data_7ANA
#
_entry.id   7ANA
#
_cell.length_a   83.246
_cell.length_b   83.246
_cell.length_c   390.341
_cell.angle_alpha   90.000
_cell.angle_beta   90.000
_cell.angle_gamma   90.000
#
_symmetry.space_group_name_H-M   'P 43 21 2'
#
loop_
_entity.id
_entity.type
_entity.pdbx_description
1 polymer N-acetylgalactosamine-6-sulfatase
2 non-polymer 2-acetamido-2-deoxy-alpha-D-galactopyranose
3 non-polymer 'CALCIUM ION'
4 non-polymer 2-acetamido-2-deoxy-beta-D-galactopyranose
5 non-polymer 1,2-ETHANEDIOL
6 water water
#
_entity_poly.entity_id   1
_entity_poly.type   'polypeptide(L)'
_entity_poly.pdbx_seq_one_letter_code
;MGSSHHHHHHSSGLVPRGSHMASQTQPASPNVIYILMDDLGYGDIGCFGQDKIETPHIDRLCSEGIKLTQHYSGSPVSAP
ARCVLMTGMHSGHAQIRFNNELAERGAVNNYDSVYVHKELEGQFPLQANTMTIGRMMQQAGYTTGCFGKWGLGYPGSEGT
PNKQGFDRFYGYNCQRQSHTYYPPFLYNDEERVYLSNKVTDPHRSPLDKGADPNDPASYAKYTQKEYANDLIFDELMGFV
DANKRKPFFLMWTTPLPHVSLQAPERWVQHYVKKFGDEKPYTGQAGYLPCRYPHATYAAMISYFDEQIGQLIEKLKAEHL
YENTLIVFTSDNGPTFNGGSDSPWFNSGGLFNSAYGWGKCFLHEGGIRVPAIITWPGKIKPGTQSDHICAFQDVMPTLAE
LAGITCPPTDGISFLPTLLGKKGKQKEHTYLYWEYPDPRIGNKAIRMGKWKGIITDIRKGNTQMQLYNLETDIREEHDVA
AQHPDIVKRFERLMKEARNGPDF
;
_entity_poly.pdbx_strand_id   AAA,BBB
#
loop_
_chem_comp.id
_chem_comp.type
_chem_comp.name
_chem_comp.formula
A2G D-saccharide, alpha linking 2-acetamido-2-deoxy-alpha-D-galactopyranose 'C8 H15 N O6'
CA non-polymer 'CALCIUM ION' 'Ca 2'
EDO non-polymer 1,2-ETHANEDIOL 'C2 H6 O2'
NGA D-saccharide, beta linking 2-acetamido-2-deoxy-beta-D-galactopyranose 'C8 H15 N O6'
#
# COMPACT_ATOMS: atom_id res chain seq x y z
N SER A 29 -13.07 36.18 -11.73
CA SER A 29 -13.71 34.87 -11.36
C SER A 29 -14.41 34.27 -12.58
N PRO A 30 -14.01 33.05 -13.02
CA PRO A 30 -14.44 32.51 -14.31
C PRO A 30 -15.76 31.75 -14.26
N ASN A 31 -16.28 31.42 -15.45
CA ASN A 31 -17.39 30.44 -15.63
C ASN A 31 -16.89 29.09 -15.12
N VAL A 32 -17.80 28.27 -14.57
CA VAL A 32 -17.51 26.90 -14.05
C VAL A 32 -18.51 25.94 -14.68
N ILE A 33 -18.01 24.90 -15.36
CA ILE A 33 -18.82 23.76 -15.89
C ILE A 33 -18.34 22.49 -15.18
N TYR A 34 -19.22 21.89 -14.36
CA TYR A 34 -18.94 20.66 -13.57
C TYR A 34 -19.68 19.49 -14.23
N ILE A 35 -18.94 18.62 -14.92
CA ILE A 35 -19.48 17.46 -15.67
C ILE A 35 -19.34 16.22 -14.77
N LEU A 36 -20.48 15.68 -14.34
CA LEU A 36 -20.56 14.50 -13.43
C LEU A 36 -21.26 13.37 -14.19
N MET A 37 -20.51 12.32 -14.54
CA MET A 37 -21.11 11.10 -15.14
C MET A 37 -21.61 10.23 -13.99
N ASP A 38 -22.31 9.13 -14.32
CA ASP A 38 -23.09 8.33 -13.36
C ASP A 38 -22.69 6.86 -13.52
N ASP A 39 -21.88 6.33 -12.59
CA ASP A 39 -21.37 4.92 -12.59
C ASP A 39 -20.23 4.75 -13.59
N LEU A 40 -19.55 5.84 -13.99
CA LEU A 40 -18.33 5.79 -14.84
C LEU A 40 -17.15 5.40 -13.94
N GLY A 41 -16.43 4.33 -14.28
CA GLY A 41 -15.32 3.80 -13.47
C GLY A 41 -14.03 4.57 -13.63
N TYR A 42 -13.15 4.50 -12.63
CA TYR A 42 -11.80 5.14 -12.61
C TYR A 42 -11.12 4.89 -13.96
N GLY A 43 -11.25 3.69 -14.52
CA GLY A 43 -10.51 3.25 -15.72
C GLY A 43 -11.36 3.22 -16.99
N ASP A 44 -12.49 3.95 -17.04
CA ASP A 44 -13.43 3.93 -18.20
C ASP A 44 -13.08 5.02 -19.23
N ILE A 45 -12.08 5.85 -18.98
CA ILE A 45 -11.63 6.91 -19.94
C ILE A 45 -10.16 6.68 -20.31
N GLY A 46 -9.80 6.99 -21.57
CA GLY A 46 -8.47 6.75 -22.18
C GLY A 46 -7.33 7.24 -21.32
N CYS A 47 -7.42 8.46 -20.79
CA CYS A 47 -6.33 9.11 -20.00
C CYS A 47 -6.17 8.47 -18.61
N PHE A 48 -7.02 7.51 -18.22
CA PHE A 48 -6.88 6.69 -16.99
C PHE A 48 -6.73 5.20 -17.35
N GLY A 49 -6.38 4.89 -18.61
CA GLY A 49 -5.89 3.57 -19.05
C GLY A 49 -6.88 2.76 -19.88
N GLN A 50 -8.05 3.31 -20.21
CA GLN A 50 -9.10 2.59 -20.99
C GLN A 50 -8.59 2.34 -22.42
N ASP A 51 -8.63 1.08 -22.87
CA ASP A 51 -8.01 0.62 -24.15
C ASP A 51 -9.08 0.36 -25.22
N LYS A 52 -10.35 0.15 -24.85
CA LYS A 52 -11.42 -0.27 -25.80
C LYS A 52 -12.35 0.90 -26.11
N ILE A 53 -12.82 1.62 -25.09
CA ILE A 53 -13.75 2.78 -25.26
C ILE A 53 -12.90 3.99 -25.66
N GLU A 54 -13.29 4.64 -26.77
CA GLU A 54 -12.63 5.85 -27.30
C GLU A 54 -13.24 7.09 -26.63
N THR A 55 -12.40 7.86 -25.94
CA THR A 55 -12.79 9.13 -25.26
C THR A 55 -11.83 10.22 -25.72
N PRO A 56 -11.75 10.51 -27.04
CA PRO A 56 -10.78 11.47 -27.56
C PRO A 56 -10.94 12.88 -26.98
N HIS A 57 -12.19 13.37 -26.82
CA HIS A 57 -12.46 14.77 -26.41
C HIS A 57 -12.14 14.91 -24.92
N ILE A 58 -12.46 13.90 -24.12
CA ILE A 58 -12.13 13.82 -22.66
C ILE A 58 -10.61 13.70 -22.48
N ASP A 59 -9.95 12.87 -23.29
CA ASP A 59 -8.47 12.70 -23.25
C ASP A 59 -7.81 14.04 -23.61
N ARG A 60 -8.33 14.75 -24.61
CA ARG A 60 -7.87 16.10 -25.03
C ARG A 60 -7.99 17.08 -23.85
N LEU A 61 -9.14 17.06 -23.17
CA LEU A 61 -9.40 17.88 -21.96
C LEU A 61 -8.32 17.61 -20.90
N CYS A 62 -8.01 16.33 -20.64
CA CYS A 62 -6.96 15.89 -19.70
C CYS A 62 -5.60 16.46 -20.12
N SER A 63 -5.24 16.34 -21.41
CA SER A 63 -3.98 16.86 -21.98
C SER A 63 -3.87 18.37 -21.77
N GLU A 64 -5.01 19.09 -21.69
CA GLU A 64 -5.04 20.58 -21.63
C GLU A 64 -5.15 21.07 -20.18
N GLY A 65 -5.15 20.17 -19.19
CA GLY A 65 -5.27 20.53 -17.76
C GLY A 65 -4.61 19.53 -16.82
N ILE A 66 -5.09 19.47 -15.57
CA ILE A 66 -4.51 18.63 -14.48
C ILE A 66 -5.35 17.37 -14.29
N LYS A 67 -4.69 16.24 -14.04
CA LYS A 67 -5.30 14.91 -13.77
C LYS A 67 -5.17 14.62 -12.28
N LEU A 68 -6.30 14.40 -11.58
CA LEU A 68 -6.30 14.02 -10.14
C LEU A 68 -6.46 12.50 -10.03
N THR A 69 -5.54 11.84 -9.33
CA THR A 69 -5.40 10.36 -9.29
C THR A 69 -5.89 9.79 -7.96
N GLN A 70 -6.05 10.64 -6.94
CA GLN A 70 -6.58 10.24 -5.61
C GLN A 70 -7.78 11.13 -5.23
N HIS A 71 -8.74 11.25 -6.16
CA HIS A 71 -10.02 12.00 -5.97
C HIS A 71 -11.15 11.01 -5.65
N TYR A 72 -11.90 11.29 -4.58
CA TYR A 72 -12.93 10.39 -4.02
C TYR A 72 -14.32 11.03 -4.10
N SER A 73 -15.34 10.22 -4.41
CA SER A 73 -16.76 10.58 -4.27
C SER A 73 -17.11 10.75 -2.79
N GLY A 74 -18.33 11.21 -2.50
CA GLY A 74 -18.89 11.22 -1.14
C GLY A 74 -19.36 9.83 -0.73
N SER A 75 -19.61 8.95 -1.71
CA SER A 75 -20.41 7.71 -1.51
C SER A 75 -20.26 6.79 -2.72
N PRO A 76 -20.35 5.45 -2.53
CA PRO A 76 -20.33 4.52 -3.66
C PRO A 76 -21.68 4.30 -4.37
N VAL A 77 -22.70 5.12 -4.08
CA VAL A 77 -24.01 5.16 -4.81
C VAL A 77 -24.42 6.62 -5.05
N SER A 78 -25.42 6.85 -5.91
CA SER A 78 -25.70 8.13 -6.62
C SER A 78 -26.11 9.25 -5.66
N ALA A 79 -27.23 9.10 -4.96
CA ALA A 79 -27.86 10.22 -4.22
C ALA A 79 -26.89 10.75 -3.17
N PRO A 80 -26.38 9.90 -2.24
CA PRO A 80 -25.47 10.38 -1.21
C PRO A 80 -24.18 10.99 -1.79
N ALA A 81 -23.65 10.46 -2.88
CA ALA A 81 -22.47 11.05 -3.56
C ALA A 81 -22.81 12.50 -3.91
N ARG A 82 -23.94 12.69 -4.59
CA ARG A 82 -24.43 14.02 -5.06
C ARG A 82 -24.74 14.91 -3.85
N CYS A 83 -25.27 14.37 -2.75
CA CYS A 83 -25.59 15.12 -1.51
C CYS A 83 -24.30 15.72 -0.94
N VAL A 84 -23.23 14.92 -0.88
CA VAL A 84 -21.90 15.36 -0.36
C VAL A 84 -21.37 16.47 -1.28
N LEU A 85 -21.43 16.25 -2.60
CA LEU A 85 -20.96 17.23 -3.62
C LEU A 85 -21.72 18.55 -3.45
N MET A 86 -23.05 18.52 -3.38
CA MET A 86 -23.89 19.73 -3.35
C MET A 86 -23.68 20.50 -2.05
N THR A 87 -23.50 19.81 -0.91
CA THR A 87 -23.60 20.42 0.45
C THR A 87 -22.22 20.60 1.11
N GLY A 88 -21.14 20.05 0.55
CA GLY A 88 -19.79 20.14 1.14
C GLY A 88 -19.70 19.54 2.54
N MET A 89 -20.56 18.55 2.84
CA MET A 89 -20.51 17.73 4.08
C MET A 89 -20.24 16.27 3.67
N HIS A 90 -19.35 15.58 4.38
CA HIS A 90 -19.00 14.16 4.06
C HIS A 90 -20.13 13.24 4.54
N SER A 91 -20.13 11.98 4.07
CA SER A 91 -21.23 11.01 4.23
C SER A 91 -21.50 10.69 5.70
N GLY A 92 -20.54 10.97 6.60
CA GLY A 92 -20.72 10.85 8.05
C GLY A 92 -21.55 11.97 8.66
N HIS A 93 -21.72 13.09 7.94
CA HIS A 93 -22.45 14.31 8.39
C HIS A 93 -23.67 14.62 7.52
N ALA A 94 -23.77 14.02 6.33
CA ALA A 94 -24.67 14.46 5.23
C ALA A 94 -26.12 14.07 5.56
N GLN A 95 -27.08 14.80 4.96
CA GLN A 95 -28.54 14.54 5.12
C GLN A 95 -28.92 13.22 4.46
N ILE A 96 -28.33 12.90 3.30
CA ILE A 96 -28.70 11.72 2.47
C ILE A 96 -27.48 10.81 2.37
N ARG A 97 -27.59 9.60 2.91
CA ARG A 97 -26.48 8.62 3.06
C ARG A 97 -26.78 7.32 2.30
N PHE A 98 -27.97 7.17 1.72
CA PHE A 98 -28.35 6.00 0.89
C PHE A 98 -29.40 6.43 -0.12
N ASN A 99 -29.66 5.60 -1.14
CA ASN A 99 -30.77 5.83 -2.10
C ASN A 99 -32.08 5.45 -1.40
N ASN A 100 -32.86 6.46 -1.03
CA ASN A 100 -34.15 6.31 -0.31
C ASN A 100 -35.28 6.65 -1.28
N GLU A 101 -36.09 5.64 -1.65
CA GLU A 101 -37.15 5.74 -2.68
C GLU A 101 -38.49 6.09 -2.01
N LEU A 102 -38.50 6.25 -0.68
CA LEU A 102 -39.69 6.60 0.12
C LEU A 102 -40.87 5.74 -0.34
N ALA A 103 -40.72 4.42 -0.23
CA ALA A 103 -41.66 3.40 -0.75
C ALA A 103 -42.98 3.40 0.02
N GLU A 104 -43.05 4.06 1.19
CA GLU A 104 -44.27 4.13 2.05
C GLU A 104 -45.33 5.03 1.38
N ARG A 105 -44.94 5.83 0.39
CA ARG A 105 -45.87 6.75 -0.31
C ARG A 105 -46.86 5.94 -1.15
N GLY A 106 -46.48 4.73 -1.57
CA GLY A 106 -47.29 3.88 -2.46
C GLY A 106 -46.42 3.15 -3.48
N ALA A 107 -46.95 2.93 -4.68
CA ALA A 107 -46.36 2.07 -5.74
C ALA A 107 -45.25 2.84 -6.49
N VAL A 108 -44.22 3.28 -5.77
CA VAL A 108 -43.11 4.13 -6.29
C VAL A 108 -42.35 3.39 -7.39
N ASN A 109 -42.38 2.06 -7.36
CA ASN A 109 -41.65 1.19 -8.31
C ASN A 109 -42.50 0.89 -9.54
N ASN A 110 -43.75 1.34 -9.58
CA ASN A 110 -44.65 1.13 -10.74
C ASN A 110 -44.59 2.39 -11.62
N TYR A 111 -44.10 2.23 -12.86
CA TYR A 111 -43.80 3.34 -13.80
C TYR A 111 -45.10 3.94 -14.33
N ASP A 112 -46.14 3.13 -14.50
CA ASP A 112 -47.52 3.64 -14.81
C ASP A 112 -47.94 4.59 -13.66
N SER A 113 -47.78 4.13 -12.42
CA SER A 113 -48.20 4.87 -11.20
C SER A 113 -47.40 6.17 -11.08
N VAL A 114 -46.09 6.16 -11.33
CA VAL A 114 -45.26 7.39 -11.18
C VAL A 114 -45.68 8.39 -12.26
N TYR A 115 -45.97 7.93 -13.47
CA TYR A 115 -46.49 8.76 -14.58
C TYR A 115 -47.79 9.46 -14.15
N VAL A 116 -48.69 8.73 -13.48
CA VAL A 116 -50.02 9.27 -13.08
C VAL A 116 -49.84 10.18 -11.86
N HIS A 117 -49.03 9.76 -10.89
CA HIS A 117 -48.87 10.42 -9.57
C HIS A 117 -47.41 10.87 -9.38
N LYS A 118 -47.13 12.15 -9.59
CA LYS A 118 -45.79 12.76 -9.39
C LYS A 118 -45.41 12.67 -7.91
N GLU A 119 -46.40 12.57 -7.01
CA GLU A 119 -46.22 12.38 -5.55
C GLU A 119 -45.41 11.11 -5.27
N LEU A 120 -45.37 10.15 -6.22
CA LEU A 120 -44.72 8.83 -6.07
C LEU A 120 -43.31 8.87 -6.68
N GLU A 121 -42.98 9.94 -7.39
CA GLU A 121 -41.72 10.07 -8.17
C GLU A 121 -40.55 10.41 -7.23
N GLY A 122 -39.34 10.00 -7.60
CA GLY A 122 -38.09 10.56 -7.07
C GLY A 122 -37.73 10.09 -5.68
N GLN A 123 -36.82 10.83 -5.04
CA GLN A 123 -36.01 10.35 -3.89
C GLN A 123 -36.18 11.27 -2.67
N PHE A 124 -35.69 10.82 -1.51
CA PHE A 124 -35.68 11.58 -0.24
C PHE A 124 -35.17 13.00 -0.54
N PRO A 125 -35.84 14.06 -0.05
CA PRO A 125 -35.42 15.42 -0.36
C PRO A 125 -34.38 16.05 0.58
N LEU A 126 -33.48 16.87 0.01
CA LEU A 126 -32.71 17.88 0.77
C LEU A 126 -33.69 18.74 1.58
N GLN A 127 -33.30 19.18 2.77
CA GLN A 127 -34.13 20.06 3.63
C GLN A 127 -34.21 21.46 3.00
N ALA A 128 -35.29 22.19 3.30
CA ALA A 128 -35.50 23.59 2.87
C ALA A 128 -34.30 24.44 3.33
N ASN A 129 -33.79 25.29 2.43
CA ASN A 129 -32.73 26.31 2.69
C ASN A 129 -31.35 25.66 2.95
N THR A 130 -31.18 24.39 2.58
CA THR A 130 -29.86 23.71 2.62
C THR A 130 -28.87 24.52 1.77
N MET A 131 -27.79 25.02 2.36
CA MET A 131 -26.72 25.69 1.60
C MET A 131 -26.13 24.66 0.62
N THR A 132 -26.23 24.91 -0.69
CA THR A 132 -25.62 24.07 -1.75
C THR A 132 -24.60 24.90 -2.53
N ILE A 133 -23.75 24.25 -3.33
CA ILE A 133 -22.77 24.94 -4.22
C ILE A 133 -23.54 25.78 -5.25
N GLY A 134 -24.74 25.35 -5.64
CA GLY A 134 -25.66 26.14 -6.50
C GLY A 134 -26.01 27.46 -5.85
N ARG A 135 -26.56 27.38 -4.63
CA ARG A 135 -27.00 28.55 -3.81
C ARG A 135 -25.80 29.47 -3.57
N MET A 136 -24.68 28.90 -3.14
CA MET A 136 -23.43 29.65 -2.83
C MET A 136 -23.00 30.46 -4.06
N MET A 137 -22.98 29.84 -5.25
CA MET A 137 -22.56 30.50 -6.52
C MET A 137 -23.59 31.56 -6.92
N GLN A 138 -24.89 31.28 -6.75
CA GLN A 138 -26.01 32.25 -6.96
C GLN A 138 -25.73 33.54 -6.17
N GLN A 139 -25.33 33.44 -4.89
CA GLN A 139 -25.11 34.60 -3.99
C GLN A 139 -23.83 35.34 -4.38
N ALA A 140 -22.93 34.67 -5.13
CA ALA A 140 -21.68 35.25 -5.67
C ALA A 140 -21.93 35.99 -7.00
N GLY A 141 -23.14 35.90 -7.56
CA GLY A 141 -23.55 36.61 -8.79
C GLY A 141 -23.52 35.71 -10.03
N TYR A 142 -23.43 34.39 -9.87
CA TYR A 142 -23.50 33.41 -10.98
C TYR A 142 -24.96 33.10 -11.30
N THR A 143 -25.27 32.91 -12.59
CA THR A 143 -26.51 32.27 -13.08
C THR A 143 -26.27 30.75 -13.05
N THR A 144 -27.07 30.01 -12.29
CA THR A 144 -26.85 28.57 -12.00
C THR A 144 -27.82 27.71 -12.83
N GLY A 145 -27.31 26.57 -13.30
CA GLY A 145 -28.03 25.61 -14.14
C GLY A 145 -27.61 24.18 -13.82
N CYS A 146 -28.58 23.26 -13.79
CA CYS A 146 -28.33 21.80 -13.62
C CYS A 146 -29.04 21.07 -14.75
N PHE A 147 -28.30 20.31 -15.58
CA PHE A 147 -28.82 19.58 -16.76
C PHE A 147 -28.40 18.11 -16.67
N GLY A 148 -29.37 17.20 -16.65
CA GLY A 148 -29.17 15.74 -16.60
C GLY A 148 -30.11 15.06 -15.62
N LYS A 149 -29.63 14.79 -14.41
CA LYS A 149 -30.34 14.02 -13.36
C LYS A 149 -30.21 14.77 -12.03
N TRP A 150 -31.24 14.72 -11.18
CA TRP A 150 -31.26 15.35 -9.83
C TRP A 150 -31.03 14.26 -8.76
N GLY A 151 -32.08 13.54 -8.35
CA GLY A 151 -32.01 12.43 -7.37
C GLY A 151 -32.00 12.91 -5.92
N LEU A 152 -32.16 14.21 -5.68
CA LEU A 152 -31.97 14.80 -4.33
C LEU A 152 -33.28 15.39 -3.78
N GLY A 153 -34.42 15.10 -4.41
CA GLY A 153 -35.73 15.47 -3.85
C GLY A 153 -36.87 15.36 -4.84
N TYR A 154 -37.95 14.69 -4.43
CA TYR A 154 -39.12 14.37 -5.28
C TYR A 154 -39.86 15.64 -5.69
N PRO A 155 -40.60 15.63 -6.82
CA PRO A 155 -41.35 16.81 -7.27
C PRO A 155 -42.41 17.22 -6.23
N GLY A 156 -42.51 18.53 -5.94
CA GLY A 156 -43.37 19.09 -4.88
C GLY A 156 -42.65 19.23 -3.55
N SER A 157 -41.55 18.51 -3.33
CA SER A 157 -40.74 18.56 -2.10
C SER A 157 -39.95 19.87 -2.06
N GLU A 158 -39.35 20.19 -0.90
CA GLU A 158 -38.48 21.38 -0.70
C GLU A 158 -37.07 21.07 -1.21
N GLY A 159 -36.83 19.87 -1.73
CA GLY A 159 -35.52 19.39 -2.20
C GLY A 159 -35.34 19.49 -3.71
N THR A 160 -36.25 20.13 -4.43
CA THR A 160 -36.19 20.24 -5.92
C THR A 160 -35.05 21.17 -6.31
N PRO A 161 -34.42 20.98 -7.49
CA PRO A 161 -33.24 21.75 -7.85
C PRO A 161 -33.45 23.28 -7.84
N ASN A 162 -34.64 23.75 -8.24
CA ASN A 162 -34.98 25.20 -8.29
C ASN A 162 -35.08 25.77 -6.87
N LYS A 163 -35.31 24.92 -5.86
CA LYS A 163 -35.39 25.35 -4.44
C LYS A 163 -34.07 25.03 -3.74
N GLN A 164 -33.03 24.62 -4.48
CA GLN A 164 -31.71 24.19 -3.94
C GLN A 164 -30.58 24.86 -4.74
N GLY A 165 -30.77 26.10 -5.17
CA GLY A 165 -29.71 27.00 -5.67
C GLY A 165 -29.53 26.95 -7.17
N PHE A 166 -30.50 26.42 -7.92
CA PHE A 166 -30.46 26.37 -9.41
C PHE A 166 -31.58 27.25 -10.01
N ASP A 167 -31.18 28.28 -10.75
CA ASP A 167 -32.10 29.16 -11.52
C ASP A 167 -32.77 28.32 -12.61
N ARG A 168 -32.07 27.30 -13.09
CA ARG A 168 -32.45 26.53 -14.30
C ARG A 168 -32.16 25.05 -14.05
N PHE A 169 -33.16 24.17 -14.27
CA PHE A 169 -33.01 22.70 -14.33
C PHE A 169 -33.67 22.17 -15.60
N TYR A 170 -33.06 21.16 -16.23
CA TYR A 170 -33.73 20.31 -17.24
C TYR A 170 -33.21 18.87 -17.11
N GLY A 171 -34.14 17.91 -17.17
CA GLY A 171 -33.83 16.47 -17.27
C GLY A 171 -34.66 15.66 -16.29
N TYR A 172 -34.04 14.62 -15.71
CA TYR A 172 -34.70 13.66 -14.80
C TYR A 172 -34.68 14.20 -13.37
N ASN A 173 -35.83 14.25 -12.69
CA ASN A 173 -35.89 14.43 -11.22
C ASN A 173 -35.41 13.15 -10.54
N CYS A 174 -35.75 12.02 -11.15
CA CYS A 174 -35.88 10.70 -10.48
C CYS A 174 -34.85 9.71 -11.03
N GLN A 175 -34.10 9.08 -10.12
CA GLN A 175 -33.07 8.05 -10.40
C GLN A 175 -33.73 6.78 -10.96
N ARG A 176 -35.00 6.50 -10.62
CA ARG A 176 -35.75 5.33 -11.15
C ARG A 176 -36.18 5.62 -12.59
N GLN A 177 -36.63 6.84 -12.87
CA GLN A 177 -37.06 7.28 -14.23
C GLN A 177 -35.92 7.10 -15.24
N SER A 178 -34.67 7.35 -14.83
CA SER A 178 -33.49 7.35 -15.75
C SER A 178 -33.05 5.92 -16.06
N HIS A 179 -33.74 4.89 -15.55
CA HIS A 179 -33.49 3.47 -15.90
C HIS A 179 -33.87 3.22 -17.36
N THR A 180 -34.57 4.15 -18.00
CA THR A 180 -34.77 4.20 -19.46
C THR A 180 -34.32 5.57 -20.01
N TYR A 181 -33.75 5.58 -21.22
CA TYR A 181 -33.26 6.79 -21.92
C TYR A 181 -34.34 7.29 -22.90
N TYR A 182 -35.52 6.67 -22.89
CA TYR A 182 -36.72 7.08 -23.65
C TYR A 182 -37.89 7.23 -22.68
N PRO A 183 -37.79 8.18 -21.72
CA PRO A 183 -38.81 8.34 -20.68
C PRO A 183 -40.03 9.07 -21.21
N PRO A 184 -41.21 8.89 -20.58
CA PRO A 184 -42.44 9.54 -21.04
C PRO A 184 -42.46 11.06 -20.79
N PHE A 185 -41.61 11.55 -19.90
CA PHE A 185 -41.51 12.99 -19.55
C PHE A 185 -40.12 13.29 -18.97
N LEU A 186 -39.76 14.58 -18.97
CA LEU A 186 -38.63 15.12 -18.17
C LEU A 186 -39.14 16.38 -17.47
N TYR A 187 -38.27 17.09 -16.75
CA TYR A 187 -38.61 18.36 -16.06
C TYR A 187 -37.87 19.49 -16.76
N ASN A 188 -38.60 20.55 -17.07
CA ASN A 188 -38.09 21.92 -17.34
C ASN A 188 -38.38 22.72 -16.07
N ASP A 189 -37.35 22.99 -15.27
CA ASP A 189 -37.50 23.62 -13.93
C ASP A 189 -38.48 22.75 -13.13
N GLU A 190 -39.55 23.32 -12.60
CA GLU A 190 -40.49 22.65 -11.68
C GLU A 190 -41.58 21.92 -12.48
N GLU A 191 -41.64 22.09 -13.80
CA GLU A 191 -42.74 21.59 -14.67
C GLU A 191 -42.34 20.32 -15.42
N ARG A 192 -43.21 19.33 -15.48
CA ARG A 192 -43.09 18.19 -16.43
C ARG A 192 -43.26 18.71 -17.85
N VAL A 193 -42.40 18.27 -18.77
CA VAL A 193 -42.63 18.35 -20.24
C VAL A 193 -42.78 16.91 -20.73
N TYR A 194 -43.95 16.61 -21.28
CA TYR A 194 -44.31 15.25 -21.78
C TYR A 194 -43.66 15.08 -23.15
N LEU A 195 -43.00 13.94 -23.37
CA LEU A 195 -42.32 13.58 -24.65
C LEU A 195 -43.21 12.63 -25.44
N SER A 196 -42.80 12.29 -26.66
CA SER A 196 -43.57 11.41 -27.60
C SER A 196 -43.33 9.93 -27.25
N ASN A 197 -42.43 9.65 -26.32
CA ASN A 197 -42.10 8.28 -25.84
C ASN A 197 -43.26 7.71 -25.02
N LYS A 198 -43.63 6.45 -25.26
CA LYS A 198 -44.64 5.70 -24.48
C LYS A 198 -44.06 5.37 -23.11
N VAL A 199 -44.91 5.30 -22.08
CA VAL A 199 -44.53 4.86 -20.71
C VAL A 199 -44.07 3.40 -20.77
N THR A 200 -42.93 3.10 -20.16
CA THR A 200 -42.32 1.74 -20.10
C THR A 200 -41.84 1.48 -18.67
N ASP A 201 -41.74 0.20 -18.33
CA ASP A 201 -41.06 -0.32 -17.11
C ASP A 201 -39.78 -1.02 -17.58
N PRO A 202 -38.60 -0.38 -17.47
CA PRO A 202 -37.37 -0.98 -18.02
C PRO A 202 -36.89 -2.24 -17.29
N HIS A 203 -37.53 -2.62 -16.18
CA HIS A 203 -37.28 -3.87 -15.42
C HIS A 203 -38.30 -4.97 -15.78
N ARG A 204 -39.38 -4.62 -16.50
CA ARG A 204 -40.46 -5.58 -16.88
C ARG A 204 -40.78 -5.42 -18.37
N SER A 205 -39.74 -5.32 -19.20
CA SER A 205 -39.84 -5.25 -20.68
C SER A 205 -38.94 -6.32 -21.30
N PRO A 206 -39.20 -7.62 -21.05
CA PRO A 206 -38.40 -8.69 -21.66
C PRO A 206 -38.70 -8.77 -23.16
N LEU A 207 -37.92 -9.55 -23.90
CA LEU A 207 -38.11 -9.78 -25.36
C LEU A 207 -39.51 -10.38 -25.57
N ASP A 208 -40.15 -10.09 -26.71
CA ASP A 208 -41.44 -10.72 -27.11
C ASP A 208 -41.25 -12.24 -27.06
N LYS A 209 -42.28 -12.98 -26.65
CA LYS A 209 -42.24 -14.47 -26.60
C LYS A 209 -41.89 -14.99 -28.00
N GLY A 210 -40.90 -15.88 -28.08
CA GLY A 210 -40.43 -16.52 -29.33
C GLY A 210 -39.61 -15.61 -30.23
N ALA A 211 -39.22 -14.42 -29.75
CA ALA A 211 -38.34 -13.47 -30.49
C ALA A 211 -36.89 -13.98 -30.38
N ASP A 212 -36.15 -14.02 -31.49
CA ASP A 212 -34.74 -14.47 -31.55
C ASP A 212 -33.89 -13.44 -30.80
N PRO A 213 -33.22 -13.82 -29.68
CA PRO A 213 -32.36 -12.88 -28.95
C PRO A 213 -31.10 -12.47 -29.73
N ASN A 214 -30.75 -13.23 -30.78
CA ASN A 214 -29.58 -12.96 -31.67
C ASN A 214 -29.97 -12.01 -32.80
N ASP A 215 -31.27 -11.81 -33.06
CA ASP A 215 -31.79 -10.89 -34.11
C ASP A 215 -31.88 -9.48 -33.51
N PRO A 216 -31.16 -8.48 -34.06
CA PRO A 216 -31.25 -7.09 -33.58
C PRO A 216 -32.66 -6.48 -33.65
N ALA A 217 -33.48 -6.94 -34.60
CA ALA A 217 -34.88 -6.49 -34.80
C ALA A 217 -35.72 -6.75 -33.54
N SER A 218 -35.32 -7.73 -32.71
CA SER A 218 -36.00 -8.11 -31.44
C SER A 218 -35.87 -6.99 -30.41
N TYR A 219 -34.92 -6.07 -30.60
CA TYR A 219 -34.56 -4.99 -29.64
C TYR A 219 -35.02 -3.62 -30.15
N ALA A 220 -35.59 -3.55 -31.36
CA ALA A 220 -36.11 -2.31 -32.00
C ALA A 220 -37.04 -1.55 -31.06
N LYS A 221 -37.90 -2.26 -30.32
CA LYS A 221 -38.97 -1.67 -29.46
C LYS A 221 -38.39 -0.88 -28.29
N TYR A 222 -37.12 -1.10 -27.92
CA TYR A 222 -36.44 -0.43 -26.76
C TYR A 222 -36.05 1.00 -27.17
N THR A 223 -35.86 1.23 -28.47
CA THR A 223 -35.59 2.57 -29.06
C THR A 223 -36.95 3.19 -29.43
N GLN A 224 -37.25 4.39 -28.91
CA GLN A 224 -38.46 5.18 -29.23
C GLN A 224 -38.03 6.46 -29.96
N LYS A 225 -38.68 7.61 -29.69
CA LYS A 225 -38.60 8.81 -30.56
C LYS A 225 -37.54 9.79 -30.00
N GLU A 226 -37.49 9.99 -28.68
CA GLU A 226 -36.71 11.10 -28.05
C GLU A 226 -35.73 10.53 -27.01
N TYR A 227 -34.46 10.38 -27.40
CA TYR A 227 -33.34 9.99 -26.51
C TYR A 227 -33.11 11.15 -25.54
N ALA A 228 -33.33 10.92 -24.25
CA ALA A 228 -33.29 11.96 -23.17
C ALA A 228 -31.99 12.77 -23.26
N ASN A 229 -30.87 12.11 -23.58
CA ASN A 229 -29.51 12.75 -23.56
C ASN A 229 -29.38 13.77 -24.69
N ASP A 230 -30.05 13.55 -25.83
CA ASP A 230 -30.10 14.55 -26.94
C ASP A 230 -30.77 15.82 -26.42
N LEU A 231 -31.89 15.69 -25.70
CA LEU A 231 -32.72 16.81 -25.21
C LEU A 231 -31.97 17.56 -24.11
N ILE A 232 -31.39 16.82 -23.16
CA ILE A 232 -30.59 17.38 -22.03
C ILE A 232 -29.47 18.27 -22.60
N PHE A 233 -28.79 17.80 -23.66
CA PHE A 233 -27.65 18.50 -24.29
C PHE A 233 -28.14 19.79 -24.96
N ASP A 234 -29.20 19.72 -25.78
CA ASP A 234 -29.76 20.89 -26.51
C ASP A 234 -30.15 21.97 -25.48
N GLU A 235 -30.68 21.58 -24.32
CA GLU A 235 -31.08 22.52 -23.24
C GLU A 235 -29.83 23.11 -22.57
N LEU A 236 -28.81 22.30 -22.27
CA LEU A 236 -27.51 22.77 -21.71
C LEU A 236 -26.88 23.79 -22.67
N MET A 237 -26.83 23.48 -23.96
CA MET A 237 -26.22 24.32 -25.01
C MET A 237 -26.99 25.65 -25.15
N GLY A 238 -28.31 25.62 -24.97
CA GLY A 238 -29.18 26.81 -24.97
C GLY A 238 -28.92 27.70 -23.77
N PHE A 239 -28.63 27.10 -22.62
CA PHE A 239 -28.28 27.81 -21.36
C PHE A 239 -26.94 28.54 -21.54
N VAL A 240 -25.95 27.87 -22.12
CA VAL A 240 -24.61 28.47 -22.42
C VAL A 240 -24.81 29.65 -23.37
N ASP A 241 -25.59 29.44 -24.44
CA ASP A 241 -25.88 30.45 -25.49
C ASP A 241 -26.55 31.68 -24.85
N ALA A 242 -27.43 31.46 -23.87
CA ALA A 242 -28.25 32.52 -23.21
C ALA A 242 -27.41 33.26 -22.16
N ASN A 243 -26.43 32.62 -21.53
CA ASN A 243 -25.62 33.22 -20.43
C ASN A 243 -24.17 33.42 -20.89
N LYS A 244 -23.93 33.51 -22.20
CA LYS A 244 -22.55 33.57 -22.78
C LYS A 244 -21.88 34.91 -22.46
N ARG A 245 -22.62 35.92 -21.97
CA ARG A 245 -22.06 37.26 -21.67
C ARG A 245 -22.16 37.53 -20.15
N LYS A 246 -22.45 36.50 -19.35
CA LYS A 246 -22.66 36.58 -17.89
C LYS A 246 -21.87 35.47 -17.19
N PRO A 247 -21.50 35.64 -15.89
CA PRO A 247 -20.94 34.55 -15.10
C PRO A 247 -21.97 33.42 -14.91
N PHE A 248 -21.64 32.18 -15.33
CA PHE A 248 -22.55 31.01 -15.16
C PHE A 248 -21.81 29.86 -14.47
N PHE A 249 -22.53 29.16 -13.59
CA PHE A 249 -22.16 27.89 -12.92
C PHE A 249 -23.14 26.81 -13.40
N LEU A 250 -22.63 25.86 -14.18
CA LEU A 250 -23.41 24.87 -14.96
C LEU A 250 -23.00 23.46 -14.50
N MET A 251 -23.93 22.68 -13.96
CA MET A 251 -23.66 21.27 -13.59
C MET A 251 -24.30 20.36 -14.64
N TRP A 252 -23.48 19.64 -15.40
CA TRP A 252 -23.90 18.63 -16.40
C TRP A 252 -23.90 17.26 -15.71
N THR A 253 -25.00 16.94 -15.00
CA THR A 253 -25.17 15.69 -14.22
C THR A 253 -25.83 14.64 -15.12
N THR A 254 -25.13 14.21 -16.17
CA THR A 254 -25.61 13.19 -17.12
C THR A 254 -25.88 11.89 -16.38
N PRO A 255 -27.01 11.22 -16.69
CA PRO A 255 -27.26 9.85 -16.23
C PRO A 255 -26.34 8.82 -16.91
N LEU A 256 -25.66 9.18 -18.01
CA LEU A 256 -24.73 8.24 -18.68
C LEU A 256 -23.49 8.04 -17.80
N PRO A 257 -22.85 6.85 -17.82
CA PRO A 257 -23.37 5.67 -18.51
C PRO A 257 -24.12 4.66 -17.63
N HIS A 258 -24.97 5.14 -16.72
CA HIS A 258 -25.89 4.30 -15.91
C HIS A 258 -26.77 3.45 -16.84
N VAL A 259 -26.98 2.17 -16.53
CA VAL A 259 -27.92 1.28 -17.26
C VAL A 259 -29.34 1.86 -17.14
N SER A 260 -30.24 1.55 -18.07
CA SER A 260 -30.13 0.53 -19.10
C SER A 260 -29.13 0.91 -20.20
N LEU A 261 -28.66 -0.10 -20.93
CA LEU A 261 -27.74 0.05 -22.09
C LEU A 261 -28.55 0.47 -23.32
N GLN A 262 -28.57 1.77 -23.61
CA GLN A 262 -29.26 2.35 -24.78
C GLN A 262 -28.41 3.48 -25.35
N ALA A 263 -28.14 3.43 -26.66
CA ALA A 263 -27.33 4.42 -27.38
C ALA A 263 -27.80 4.49 -28.82
N PRO A 264 -27.59 5.64 -29.50
CA PRO A 264 -27.89 5.76 -30.93
C PRO A 264 -27.15 4.67 -31.72
N GLU A 265 -27.83 4.08 -32.70
CA GLU A 265 -27.32 2.95 -33.54
C GLU A 265 -25.99 3.33 -34.20
N ARG A 266 -25.80 4.60 -34.58
CA ARG A 266 -24.52 5.17 -35.11
C ARG A 266 -23.34 4.65 -34.27
N TRP A 267 -23.44 4.89 -32.96
CA TRP A 267 -22.33 4.66 -31.98
C TRP A 267 -22.25 3.18 -31.63
N VAL A 268 -23.38 2.47 -31.55
CA VAL A 268 -23.39 1.00 -31.29
C VAL A 268 -22.65 0.29 -32.44
N GLN A 269 -22.94 0.65 -33.69
CA GLN A 269 -22.37 -0.03 -34.89
C GLN A 269 -20.86 0.22 -34.98
N HIS A 270 -20.39 1.43 -34.63
CA HIS A 270 -18.95 1.77 -34.54
C HIS A 270 -18.23 0.69 -33.72
N TYR A 271 -18.79 0.30 -32.58
CA TYR A 271 -18.16 -0.63 -31.61
C TYR A 271 -18.49 -2.08 -31.97
N VAL A 272 -19.56 -2.34 -32.73
CA VAL A 272 -19.82 -3.70 -33.27
C VAL A 272 -18.72 -4.02 -34.30
N LYS A 273 -18.31 -3.03 -35.12
CA LYS A 273 -17.21 -3.13 -36.11
C LYS A 273 -15.88 -3.41 -35.39
N LYS A 274 -15.62 -2.68 -34.29
CA LYS A 274 -14.34 -2.73 -33.54
C LYS A 274 -14.24 -4.03 -32.73
N PHE A 275 -15.26 -4.36 -31.94
CA PHE A 275 -15.26 -5.52 -30.99
C PHE A 275 -15.68 -6.81 -31.71
N GLY A 276 -16.61 -6.71 -32.67
CA GLY A 276 -17.21 -7.87 -33.37
C GLY A 276 -18.50 -8.31 -32.68
N ASP A 277 -19.04 -9.47 -33.07
CA ASP A 277 -20.28 -10.06 -32.50
C ASP A 277 -20.02 -10.41 -31.04
N GLU A 278 -21.07 -10.43 -30.21
CA GLU A 278 -21.00 -10.74 -28.76
C GLU A 278 -22.30 -11.40 -28.31
N LYS A 279 -22.27 -12.07 -27.15
CA LYS A 279 -23.44 -12.60 -26.42
C LYS A 279 -24.42 -11.46 -26.17
N PRO A 280 -25.73 -11.64 -26.48
CA PRO A 280 -26.73 -10.63 -26.12
C PRO A 280 -27.03 -10.63 -24.62
N TYR A 281 -27.52 -9.50 -24.10
CA TYR A 281 -28.04 -9.35 -22.71
C TYR A 281 -29.57 -9.45 -22.74
N THR A 282 -30.12 -10.37 -21.94
CA THR A 282 -31.54 -10.79 -21.93
C THR A 282 -32.27 -10.26 -20.70
N GLY A 283 -31.59 -9.50 -19.83
CA GLY A 283 -32.19 -8.81 -18.67
C GLY A 283 -32.06 -9.58 -17.36
N GLN A 284 -31.19 -10.62 -17.31
CA GLN A 284 -31.03 -11.51 -16.13
C GLN A 284 -30.62 -10.71 -14.89
N ALA A 285 -29.88 -9.61 -15.06
CA ALA A 285 -29.36 -8.76 -13.97
C ALA A 285 -30.10 -7.40 -13.98
N GLY A 286 -31.39 -7.39 -14.34
CA GLY A 286 -32.24 -6.19 -14.31
C GLY A 286 -32.08 -5.32 -15.55
N TYR A 287 -32.88 -4.26 -15.65
CA TYR A 287 -32.83 -3.26 -16.75
C TYR A 287 -33.19 -3.93 -18.09
N LEU A 288 -33.07 -3.16 -19.17
CA LEU A 288 -33.57 -3.57 -20.51
C LEU A 288 -32.60 -4.61 -21.11
N PRO A 289 -33.12 -5.61 -21.85
CA PRO A 289 -32.30 -6.39 -22.77
C PRO A 289 -31.54 -5.46 -23.74
N CYS A 290 -30.36 -5.89 -24.17
CA CYS A 290 -29.48 -5.15 -25.13
C CYS A 290 -28.76 -6.19 -26.00
N ARG A 291 -28.91 -6.09 -27.33
CA ARG A 291 -28.32 -7.04 -28.30
C ARG A 291 -26.80 -7.08 -28.14
N TYR A 292 -26.18 -5.90 -28.00
CA TYR A 292 -24.71 -5.69 -27.99
C TYR A 292 -24.30 -4.91 -26.74
N PRO A 293 -24.27 -5.55 -25.55
CA PRO A 293 -23.98 -4.86 -24.30
C PRO A 293 -22.63 -4.14 -24.24
N HIS A 294 -21.55 -4.77 -24.72
CA HIS A 294 -20.18 -4.18 -24.79
C HIS A 294 -20.21 -2.97 -25.71
N ALA A 295 -20.65 -3.17 -26.96
CA ALA A 295 -20.72 -2.12 -27.99
C ALA A 295 -21.57 -0.95 -27.47
N THR A 296 -22.67 -1.24 -26.77
CA THR A 296 -23.65 -0.20 -26.32
C THR A 296 -23.06 0.58 -25.14
N TYR A 297 -22.39 -0.09 -24.20
CA TYR A 297 -21.75 0.58 -23.04
C TYR A 297 -20.68 1.55 -23.56
N ALA A 298 -19.84 1.10 -24.51
CA ALA A 298 -18.80 1.92 -25.17
C ALA A 298 -19.48 3.05 -25.94
N ALA A 299 -20.54 2.75 -26.69
CA ALA A 299 -21.32 3.72 -27.48
C ALA A 299 -21.79 4.86 -26.56
N MET A 300 -22.28 4.52 -25.37
CA MET A 300 -22.87 5.49 -24.41
C MET A 300 -21.80 6.51 -24.00
N ILE A 301 -20.61 6.02 -23.62
CA ILE A 301 -19.50 6.89 -23.12
C ILE A 301 -18.96 7.75 -24.28
N SER A 302 -18.78 7.18 -25.48
CA SER A 302 -18.18 7.87 -26.65
C SER A 302 -19.16 8.92 -27.20
N TYR A 303 -20.46 8.62 -27.17
CA TYR A 303 -21.55 9.57 -27.54
C TYR A 303 -21.45 10.80 -26.62
N PHE A 304 -21.33 10.58 -25.31
CA PHE A 304 -21.23 11.68 -24.32
C PHE A 304 -19.91 12.43 -24.56
N ASP A 305 -18.84 11.70 -24.80
CA ASP A 305 -17.52 12.27 -25.20
C ASP A 305 -17.72 13.24 -26.37
N GLU A 306 -18.45 12.82 -27.41
CA GLU A 306 -18.74 13.66 -28.61
C GLU A 306 -19.50 14.93 -28.19
N GLN A 307 -20.39 14.84 -27.21
CA GLN A 307 -21.18 16.01 -26.73
C GLN A 307 -20.23 17.00 -26.04
N ILE A 308 -19.29 16.52 -25.23
CA ILE A 308 -18.28 17.38 -24.54
C ILE A 308 -17.49 18.12 -25.63
N GLY A 309 -17.07 17.41 -26.68
CA GLY A 309 -16.39 17.98 -27.87
C GLY A 309 -17.18 19.12 -28.47
N GLN A 310 -18.50 18.98 -28.63
CA GLN A 310 -19.38 20.02 -29.22
C GLN A 310 -19.44 21.23 -28.27
N LEU A 311 -19.51 21.00 -26.95
CA LEU A 311 -19.55 22.07 -25.92
C LEU A 311 -18.24 22.87 -25.95
N ILE A 312 -17.09 22.21 -26.05
CA ILE A 312 -15.74 22.87 -26.12
C ILE A 312 -15.74 23.81 -27.34
N GLU A 313 -16.14 23.28 -28.50
CA GLU A 313 -16.31 24.04 -29.77
C GLU A 313 -17.11 25.32 -29.51
N LYS A 314 -18.26 25.21 -28.85
CA LYS A 314 -19.18 26.37 -28.60
C LYS A 314 -18.46 27.39 -27.71
N LEU A 315 -17.82 26.94 -26.63
CA LEU A 315 -17.08 27.82 -25.68
C LEU A 315 -16.01 28.61 -26.46
N LYS A 316 -15.25 27.93 -27.33
CA LYS A 316 -14.20 28.53 -28.17
C LYS A 316 -14.81 29.54 -29.15
N ALA A 317 -15.88 29.17 -29.86
CA ALA A 317 -16.57 29.99 -30.87
C ALA A 317 -17.15 31.27 -30.23
N GLU A 318 -17.56 31.21 -28.95
CA GLU A 318 -18.14 32.35 -28.19
C GLU A 318 -17.06 33.01 -27.32
N HIS A 319 -15.79 32.64 -27.49
CA HIS A 319 -14.62 33.26 -26.80
C HIS A 319 -14.77 33.10 -25.28
N LEU A 320 -15.26 31.95 -24.83
CA LEU A 320 -15.46 31.63 -23.39
C LEU A 320 -14.36 30.68 -22.89
N TYR A 321 -13.60 30.02 -23.79
CA TYR A 321 -12.75 28.85 -23.44
C TYR A 321 -11.71 29.20 -22.38
N GLU A 322 -11.10 30.38 -22.47
CA GLU A 322 -9.99 30.82 -21.57
C GLU A 322 -10.57 31.23 -20.21
N ASN A 323 -11.85 31.65 -20.17
CA ASN A 323 -12.51 32.23 -18.97
C ASN A 323 -13.48 31.20 -18.35
N THR A 324 -13.27 29.91 -18.58
CA THR A 324 -14.15 28.81 -18.10
C THR A 324 -13.30 27.67 -17.54
N LEU A 325 -13.53 27.34 -16.26
CA LEU A 325 -12.95 26.16 -15.55
C LEU A 325 -13.92 24.99 -15.72
N ILE A 326 -13.39 23.85 -16.17
CA ILE A 326 -14.18 22.62 -16.44
C ILE A 326 -13.67 21.50 -15.52
N VAL A 327 -14.57 20.91 -14.72
CA VAL A 327 -14.35 19.66 -13.96
C VAL A 327 -15.05 18.52 -14.72
N PHE A 328 -14.38 17.38 -14.87
CA PHE A 328 -14.97 16.11 -15.37
C PHE A 328 -14.68 15.01 -14.34
N THR A 329 -15.71 14.32 -13.87
CA THR A 329 -15.59 13.23 -12.87
C THR A 329 -16.84 12.35 -12.92
N SER A 330 -16.92 11.38 -11.99
CA SER A 330 -18.01 10.39 -11.85
C SER A 330 -18.50 10.38 -10.40
N ASP A 331 -19.75 10.00 -10.15
CA ASP A 331 -20.36 10.06 -8.80
C ASP A 331 -19.95 8.83 -7.97
N ASN A 332 -19.56 7.74 -8.63
CA ASN A 332 -19.13 6.50 -7.91
C ASN A 332 -18.53 5.51 -8.90
N GLY A 333 -18.02 4.39 -8.39
CA GLY A 333 -17.33 3.35 -9.18
C GLY A 333 -18.29 2.65 -10.12
N PRO A 334 -17.76 1.79 -11.03
CA PRO A 334 -18.58 1.15 -12.05
C PRO A 334 -19.43 0.00 -11.48
N THR A 335 -20.52 -0.32 -12.20
CA THR A 335 -21.59 -1.21 -11.68
C THR A 335 -21.28 -2.67 -12.04
N PHE A 336 -22.19 -3.56 -11.65
CA PHE A 336 -22.10 -5.04 -11.72
C PHE A 336 -23.38 -5.63 -12.32
N ASN A 337 -24.33 -4.82 -12.82
CA ASN A 337 -25.65 -5.33 -13.29
C ASN A 337 -26.07 -4.62 -14.58
N GLY A 338 -27.28 -4.92 -15.05
CA GLY A 338 -27.92 -4.22 -16.18
C GLY A 338 -27.26 -4.53 -17.51
N GLY A 339 -26.43 -5.56 -17.57
CA GLY A 339 -25.67 -5.95 -18.78
C GLY A 339 -24.33 -5.24 -18.89
N SER A 340 -23.96 -4.46 -17.86
CA SER A 340 -22.58 -3.91 -17.70
C SER A 340 -21.59 -5.07 -17.73
N ASP A 341 -20.36 -4.82 -18.12
CA ASP A 341 -19.27 -5.83 -18.05
C ASP A 341 -17.98 -5.10 -17.64
N SER A 342 -17.96 -4.63 -16.40
CA SER A 342 -16.88 -3.80 -15.82
C SER A 342 -15.55 -4.52 -15.92
N PRO A 343 -15.46 -5.85 -15.58
CA PRO A 343 -14.20 -6.59 -15.70
C PRO A 343 -13.64 -6.60 -17.13
N TRP A 344 -14.50 -6.77 -18.14
CA TRP A 344 -14.13 -6.86 -19.59
C TRP A 344 -13.52 -5.53 -20.06
N PHE A 345 -14.04 -4.39 -19.58
CA PHE A 345 -13.54 -3.02 -19.90
C PHE A 345 -12.44 -2.61 -18.93
N ASN A 346 -12.20 -3.42 -17.89
CA ASN A 346 -11.39 -3.04 -16.71
C ASN A 346 -11.82 -1.62 -16.26
N SER A 347 -13.09 -1.43 -15.93
CA SER A 347 -13.69 -0.11 -15.60
C SER A 347 -13.11 0.42 -14.28
N GLY A 348 -12.60 -0.46 -13.41
CA GLY A 348 -11.90 -0.06 -12.17
C GLY A 348 -10.53 0.52 -12.44
N GLY A 349 -9.94 0.23 -13.61
CA GLY A 349 -8.57 0.67 -13.97
C GLY A 349 -7.53 -0.03 -13.11
N LEU A 350 -7.05 0.65 -12.06
CA LEU A 350 -6.16 0.08 -11.02
C LEU A 350 -6.93 -0.92 -10.14
N PHE A 351 -8.26 -0.79 -10.03
CA PHE A 351 -9.05 -1.48 -8.99
C PHE A 351 -9.90 -2.59 -9.61
N ASN A 352 -10.13 -3.66 -8.86
CA ASN A 352 -11.16 -4.69 -9.17
C ASN A 352 -12.52 -4.00 -9.31
N SER A 353 -13.39 -4.51 -10.20
CA SER A 353 -14.70 -3.91 -10.52
C SER A 353 -15.84 -4.94 -10.52
N ALA A 354 -15.58 -6.21 -10.15
CA ALA A 354 -16.63 -7.22 -9.92
C ALA A 354 -17.52 -6.77 -8.74
N TYR A 355 -18.73 -7.33 -8.65
CA TYR A 355 -19.63 -7.12 -7.49
C TYR A 355 -18.82 -7.22 -6.20
N GLY A 356 -18.89 -6.20 -5.35
CA GLY A 356 -18.22 -6.18 -4.03
C GLY A 356 -17.00 -5.28 -4.03
N TRP A 357 -16.54 -4.83 -5.20
CA TRP A 357 -15.26 -4.10 -5.40
C TRP A 357 -15.51 -2.71 -5.98
N GLY A 358 -16.69 -2.49 -6.58
CA GLY A 358 -17.04 -1.21 -7.24
C GLY A 358 -18.23 -0.55 -6.56
N LYS A 359 -19.18 -0.09 -7.37
CA LYS A 359 -20.45 0.54 -6.94
C LYS A 359 -21.04 -0.22 -5.75
N CYS A 360 -21.50 0.52 -4.73
CA CYS A 360 -22.16 0.03 -3.50
C CYS A 360 -21.16 -0.33 -2.40
N PHE A 361 -19.85 -0.27 -2.66
CA PHE A 361 -18.82 -0.73 -1.69
C PHE A 361 -17.77 0.34 -1.46
N LEU A 362 -17.10 0.28 -0.30
CA LEU A 362 -16.09 1.29 0.12
C LEU A 362 -14.68 0.85 -0.25
N HIS A 363 -14.52 -0.23 -1.02
CA HIS A 363 -13.24 -0.54 -1.72
C HIS A 363 -12.93 0.66 -2.63
N GLU A 364 -11.64 0.86 -2.94
CA GLU A 364 -11.15 1.99 -3.78
C GLU A 364 -11.94 2.02 -5.09
N GLY A 365 -12.20 0.86 -5.68
CA GLY A 365 -12.95 0.75 -6.95
C GLY A 365 -14.33 1.39 -6.86
N GLY A 366 -14.88 1.52 -5.65
CA GLY A 366 -16.25 2.05 -5.43
C GLY A 366 -16.29 3.54 -5.21
N ILE A 367 -15.25 4.11 -4.57
CA ILE A 367 -15.28 5.51 -4.05
C ILE A 367 -14.23 6.39 -4.76
N ARG A 368 -13.23 5.81 -5.40
CA ARG A 368 -12.24 6.59 -6.17
C ARG A 368 -12.72 6.74 -7.62
N VAL A 369 -12.79 7.98 -8.07
CA VAL A 369 -13.39 8.37 -9.38
C VAL A 369 -12.33 9.16 -10.14
N PRO A 370 -12.31 9.06 -11.49
CA PRO A 370 -11.33 9.78 -12.28
C PRO A 370 -11.73 11.26 -12.24
N ALA A 371 -10.77 12.17 -12.25
CA ALA A 371 -11.03 13.63 -12.19
C ALA A 371 -10.04 14.37 -13.10
N ILE A 372 -10.58 15.25 -13.95
CA ILE A 372 -9.83 16.22 -14.80
C ILE A 372 -10.37 17.63 -14.49
N ILE A 373 -9.48 18.61 -14.31
CA ILE A 373 -9.88 20.05 -14.23
C ILE A 373 -9.02 20.84 -15.23
N THR A 374 -9.66 21.61 -16.10
CA THR A 374 -9.00 22.54 -17.05
C THR A 374 -9.45 23.97 -16.73
N TRP A 375 -8.54 24.92 -16.98
CA TRP A 375 -8.75 26.39 -16.92
C TRP A 375 -7.63 27.02 -17.73
N PRO A 376 -7.75 26.99 -19.08
CA PRO A 376 -6.65 27.35 -19.98
C PRO A 376 -5.94 28.65 -19.62
N GLY A 377 -4.61 28.58 -19.44
CA GLY A 377 -3.72 29.71 -19.11
C GLY A 377 -3.47 29.83 -17.61
N LYS A 378 -4.22 29.09 -16.78
CA LYS A 378 -4.14 29.19 -15.30
C LYS A 378 -3.69 27.84 -14.72
N ILE A 379 -4.30 26.74 -15.17
CA ILE A 379 -3.92 25.35 -14.80
C ILE A 379 -2.91 24.84 -15.84
N LYS A 380 -1.71 24.45 -15.42
CA LYS A 380 -0.63 23.98 -16.32
C LYS A 380 -1.13 22.74 -17.06
N PRO A 381 -1.05 22.67 -18.41
CA PRO A 381 -1.60 21.55 -19.16
C PRO A 381 -0.76 20.26 -19.08
N GLY A 382 -1.43 19.11 -19.01
CA GLY A 382 -0.81 17.78 -19.05
C GLY A 382 -0.15 17.42 -17.73
N THR A 383 -0.55 18.08 -16.64
CA THR A 383 0.00 17.85 -15.27
C THR A 383 -0.89 16.87 -14.51
N GLN A 384 -0.39 16.42 -13.36
CA GLN A 384 -0.98 15.37 -12.50
C GLN A 384 -0.72 15.74 -11.04
N SER A 385 -1.66 15.45 -10.14
CA SER A 385 -1.51 15.59 -8.67
C SER A 385 -2.17 14.39 -7.99
N ASP A 386 -1.48 13.79 -7.02
CA ASP A 386 -1.98 12.65 -6.23
C ASP A 386 -2.58 13.16 -4.92
N HIS A 387 -2.86 14.46 -4.81
CA HIS A 387 -3.41 15.07 -3.58
C HIS A 387 -4.73 14.38 -3.22
N ILE A 388 -4.84 13.91 -1.97
CA ILE A 388 -6.03 13.20 -1.44
C ILE A 388 -7.13 14.25 -1.23
N CYS A 389 -8.18 14.19 -2.04
CA CYS A 389 -9.33 15.13 -1.99
C CYS A 389 -10.62 14.39 -2.37
N ALA A 390 -11.77 15.03 -2.17
CA ALA A 390 -13.10 14.39 -2.25
C ALA A 390 -14.18 15.44 -2.53
N PHE A 391 -15.42 14.98 -2.72
CA PHE A 391 -16.57 15.80 -3.15
C PHE A 391 -16.83 16.93 -2.14
N GLN A 392 -16.65 16.68 -0.84
CA GLN A 392 -16.82 17.73 0.19
C GLN A 392 -15.94 18.96 -0.13
N ASP A 393 -14.82 18.75 -0.82
CA ASP A 393 -13.79 19.80 -1.05
C ASP A 393 -14.25 20.77 -2.15
N VAL A 394 -15.26 20.39 -2.94
CA VAL A 394 -15.69 21.19 -4.12
C VAL A 394 -16.27 22.52 -3.61
N MET A 395 -17.06 22.50 -2.53
CA MET A 395 -17.70 23.73 -1.99
C MET A 395 -16.62 24.76 -1.68
N PRO A 396 -15.63 24.47 -0.80
CA PRO A 396 -14.57 25.45 -0.50
C PRO A 396 -13.68 25.78 -1.71
N THR A 397 -13.46 24.85 -2.63
CA THR A 397 -12.65 25.09 -3.87
C THR A 397 -13.34 26.20 -4.68
N LEU A 398 -14.65 26.07 -4.90
CA LEU A 398 -15.45 27.04 -5.68
C LEU A 398 -15.53 28.37 -4.93
N ALA A 399 -15.63 28.33 -3.59
CA ALA A 399 -15.69 29.53 -2.73
C ALA A 399 -14.40 30.34 -2.90
N GLU A 400 -13.25 29.68 -2.75
CA GLU A 400 -11.92 30.34 -2.93
C GLU A 400 -11.84 30.90 -4.36
N LEU A 401 -12.26 30.12 -5.36
CA LEU A 401 -12.19 30.46 -6.80
C LEU A 401 -13.03 31.72 -7.09
N ALA A 402 -14.26 31.79 -6.58
CA ALA A 402 -15.23 32.89 -6.86
C ALA A 402 -15.02 34.07 -5.90
N GLY A 403 -14.17 33.93 -4.90
CA GLY A 403 -13.75 35.01 -3.98
C GLY A 403 -14.86 35.39 -3.00
N ILE A 404 -15.61 34.41 -2.49
CA ILE A 404 -16.68 34.61 -1.46
C ILE A 404 -16.32 33.73 -0.25
N THR A 405 -16.66 34.17 0.98
CA THR A 405 -16.37 33.40 2.22
C THR A 405 -17.13 32.08 2.16
N CYS A 406 -16.43 30.98 2.43
CA CYS A 406 -16.92 29.59 2.40
C CYS A 406 -17.96 29.37 3.51
N PRO A 407 -19.14 28.79 3.20
CA PRO A 407 -20.07 28.35 4.23
C PRO A 407 -19.47 27.24 5.08
N PRO A 408 -20.14 26.83 6.18
CA PRO A 408 -19.72 25.66 6.94
C PRO A 408 -19.52 24.45 6.01
N THR A 409 -18.46 23.67 6.21
CA THR A 409 -18.05 22.55 5.30
C THR A 409 -17.13 21.58 6.06
N ASP A 410 -17.08 20.32 5.61
CA ASP A 410 -16.08 19.30 6.01
C ASP A 410 -14.92 19.33 5.02
N GLY A 411 -15.04 20.12 3.96
CA GLY A 411 -14.10 20.13 2.83
C GLY A 411 -12.89 21.03 3.07
N ILE A 412 -11.87 20.87 2.22
CA ILE A 412 -10.65 21.72 2.15
C ILE A 412 -10.41 22.05 0.68
N SER A 413 -10.29 23.34 0.34
CA SER A 413 -10.02 23.84 -1.03
C SER A 413 -8.83 23.07 -1.62
N PHE A 414 -8.96 22.58 -2.85
CA PHE A 414 -7.83 22.01 -3.63
C PHE A 414 -7.46 22.96 -4.79
N LEU A 415 -7.89 24.22 -4.72
CA LEU A 415 -7.52 25.26 -5.72
C LEU A 415 -6.00 25.41 -5.78
N PRO A 416 -5.28 25.47 -4.62
CA PRO A 416 -3.82 25.60 -4.65
C PRO A 416 -3.15 24.52 -5.50
N THR A 417 -3.61 23.27 -5.41
CA THR A 417 -3.16 22.13 -6.26
C THR A 417 -3.43 22.44 -7.74
N LEU A 418 -4.63 22.93 -8.06
CA LEU A 418 -5.06 23.23 -9.45
C LEU A 418 -4.13 24.29 -10.05
N LEU A 419 -3.71 25.28 -9.26
CA LEU A 419 -2.89 26.44 -9.72
C LEU A 419 -1.39 26.18 -9.52
N GLY A 420 -1.00 25.00 -9.02
CA GLY A 420 0.40 24.59 -8.82
C GLY A 420 1.09 25.36 -7.71
N LYS A 421 0.35 25.73 -6.66
CA LYS A 421 0.87 26.39 -5.43
C LYS A 421 0.80 25.37 -4.27
N LYS A 422 1.44 24.22 -4.47
CA LYS A 422 1.39 23.02 -3.60
C LYS A 422 1.84 23.37 -2.18
N GLY A 423 2.77 24.33 -2.05
CA GLY A 423 3.21 24.91 -0.76
C GLY A 423 2.06 25.27 0.16
N LYS A 424 0.95 25.80 -0.40
CA LYS A 424 -0.22 26.31 0.37
C LYS A 424 -1.43 25.38 0.24
N GLN A 425 -1.22 24.09 -0.09
CA GLN A 425 -2.28 23.06 -0.15
C GLN A 425 -2.40 22.39 1.23
N LYS A 426 -3.46 22.70 1.97
CA LYS A 426 -3.77 22.04 3.27
C LYS A 426 -4.21 20.60 2.98
N GLU A 427 -3.95 19.69 3.92
CA GLU A 427 -4.19 18.23 3.79
C GLU A 427 -5.22 17.81 4.83
N HIS A 428 -6.14 16.91 4.46
CA HIS A 428 -7.02 16.16 5.39
C HIS A 428 -6.14 15.27 6.27
N THR A 429 -6.35 15.30 7.60
CA THR A 429 -5.78 14.31 8.54
C THR A 429 -6.23 12.91 8.10
N TYR A 430 -7.51 12.73 7.82
CA TYR A 430 -8.11 11.46 7.31
C TYR A 430 -9.42 11.76 6.58
N LEU A 431 -9.88 10.80 5.78
CA LEU A 431 -11.21 10.81 5.14
C LEU A 431 -12.01 9.65 5.73
N TYR A 432 -13.32 9.87 5.90
CA TYR A 432 -14.32 8.90 6.42
C TYR A 432 -15.45 8.77 5.40
N TRP A 433 -15.94 7.55 5.19
CA TRP A 433 -17.14 7.23 4.39
C TRP A 433 -18.03 6.31 5.21
N GLU A 434 -19.35 6.48 5.11
CA GLU A 434 -20.30 5.41 5.51
C GLU A 434 -21.35 5.27 4.41
N TYR A 435 -21.74 4.02 4.17
CA TYR A 435 -22.85 3.63 3.28
C TYR A 435 -23.72 2.67 4.09
N PRO A 436 -24.70 3.21 4.85
CA PRO A 436 -25.59 2.38 5.66
C PRO A 436 -26.78 1.85 4.86
N ASP A 437 -26.51 1.12 3.77
CA ASP A 437 -27.54 0.41 2.98
C ASP A 437 -28.24 -0.59 3.89
N PRO A 438 -29.50 -1.01 3.61
CA PRO A 438 -30.25 -1.87 4.51
C PRO A 438 -29.66 -3.27 4.68
N ARG A 439 -28.99 -3.79 3.65
CA ARG A 439 -28.63 -5.24 3.53
C ARG A 439 -27.21 -5.48 4.10
N ILE A 440 -26.23 -4.61 3.80
CA ILE A 440 -24.79 -4.90 4.07
C ILE A 440 -24.24 -3.93 5.12
N GLY A 441 -24.18 -2.64 4.82
CA GLY A 441 -23.72 -1.60 5.78
C GLY A 441 -22.21 -1.50 5.82
N ASN A 442 -21.66 -0.32 5.52
CA ASN A 442 -20.21 -0.11 5.26
C ASN A 442 -19.72 1.16 5.97
N LYS A 443 -18.51 1.09 6.53
CA LYS A 443 -17.72 2.25 6.99
C LYS A 443 -16.27 2.09 6.51
N ALA A 444 -15.58 3.19 6.21
CA ALA A 444 -14.17 3.20 5.76
C ALA A 444 -13.45 4.45 6.28
N ILE A 445 -12.15 4.29 6.52
CA ILE A 445 -11.18 5.37 6.84
C ILE A 445 -10.03 5.27 5.83
N ARG A 446 -9.58 6.40 5.30
CA ARG A 446 -8.23 6.52 4.71
C ARG A 446 -7.44 7.56 5.50
N MET A 447 -6.25 7.18 5.96
CA MET A 447 -5.27 8.05 6.64
C MET A 447 -3.89 7.69 6.07
N GLY A 448 -3.39 8.51 5.15
CA GLY A 448 -2.14 8.27 4.41
C GLY A 448 -2.27 7.03 3.54
N LYS A 449 -1.32 6.09 3.66
CA LYS A 449 -1.30 4.84 2.86
C LYS A 449 -2.30 3.81 3.42
N TRP A 450 -2.85 4.03 4.62
CA TRP A 450 -3.69 3.05 5.35
C TRP A 450 -5.18 3.25 5.00
N LYS A 451 -5.88 2.15 4.75
CA LYS A 451 -7.30 2.11 4.33
C LYS A 451 -8.00 1.04 5.16
N GLY A 452 -8.89 1.47 6.06
CA GLY A 452 -9.70 0.57 6.90
C GLY A 452 -11.11 0.48 6.36
N ILE A 453 -11.68 -0.73 6.32
CA ILE A 453 -13.09 -0.99 5.91
C ILE A 453 -13.74 -1.90 6.95
N ILE A 454 -14.96 -1.54 7.39
CA ILE A 454 -15.91 -2.45 8.09
C ILE A 454 -17.12 -2.62 7.19
N THR A 455 -17.35 -3.85 6.71
CA THR A 455 -18.52 -4.20 5.87
C THR A 455 -19.33 -5.25 6.63
N ASP A 456 -20.50 -5.64 6.09
CA ASP A 456 -21.44 -6.62 6.71
C ASP A 456 -21.82 -6.13 8.11
N ILE A 457 -21.99 -4.82 8.29
CA ILE A 457 -22.35 -4.22 9.62
C ILE A 457 -23.77 -4.65 10.00
N ARG A 458 -24.70 -4.70 9.05
CA ARG A 458 -26.12 -5.09 9.27
C ARG A 458 -26.22 -6.56 9.71
N LYS A 459 -25.21 -7.39 9.40
CA LYS A 459 -25.12 -8.81 9.86
C LYS A 459 -24.38 -8.88 11.20
N GLY A 460 -24.07 -7.72 11.82
CA GLY A 460 -23.42 -7.63 13.15
C GLY A 460 -21.90 -7.85 13.12
N ASN A 461 -21.26 -7.62 11.97
CA ASN A 461 -19.76 -7.58 11.91
C ASN A 461 -19.28 -6.21 12.38
N THR A 462 -18.27 -6.19 13.25
CA THR A 462 -17.52 -4.98 13.69
C THR A 462 -16.04 -5.13 13.34
N GLN A 463 -15.62 -6.30 12.82
CA GLN A 463 -14.20 -6.57 12.50
C GLN A 463 -13.78 -5.76 11.29
N MET A 464 -12.70 -5.00 11.43
CA MET A 464 -12.16 -4.10 10.37
C MET A 464 -11.13 -4.86 9.54
N GLN A 465 -11.17 -4.65 8.22
CA GLN A 465 -10.11 -5.09 7.28
C GLN A 465 -9.22 -3.87 7.04
N LEU A 466 -7.90 -4.08 6.95
CA LEU A 466 -6.89 -2.99 6.82
C LEU A 466 -5.99 -3.29 5.63
N TYR A 467 -5.84 -2.34 4.72
CA TYR A 467 -5.00 -2.49 3.51
C TYR A 467 -3.98 -1.34 3.48
N ASN A 468 -2.74 -1.67 3.10
CA ASN A 468 -1.71 -0.67 2.76
C ASN A 468 -1.86 -0.37 1.27
N LEU A 469 -2.37 0.80 0.90
CA LEU A 469 -2.62 1.21 -0.51
C LEU A 469 -1.30 1.45 -1.25
N GLU A 470 -0.18 1.62 -0.53
CA GLU A 470 1.15 1.78 -1.16
C GLU A 470 1.61 0.41 -1.66
N THR A 471 1.36 -0.67 -0.91
CA THR A 471 1.89 -2.03 -1.18
C THR A 471 0.77 -2.97 -1.66
N ASP A 472 -0.50 -2.57 -1.56
CA ASP A 472 -1.67 -3.39 -1.91
C ASP A 472 -2.81 -2.47 -2.40
N ILE A 473 -2.63 -1.88 -3.58
CA ILE A 473 -3.56 -0.87 -4.19
C ILE A 473 -4.94 -1.51 -4.42
N ARG A 474 -4.99 -2.83 -4.64
CA ARG A 474 -6.23 -3.57 -4.99
C ARG A 474 -6.92 -4.12 -3.73
N GLU A 475 -6.35 -3.87 -2.55
CA GLU A 475 -6.96 -4.25 -1.25
C GLU A 475 -7.27 -5.76 -1.26
N GLU A 476 -6.26 -6.57 -1.58
CA GLU A 476 -6.37 -8.04 -1.72
C GLU A 476 -5.71 -8.75 -0.53
N HIS A 477 -5.01 -8.01 0.34
CA HIS A 477 -4.20 -8.58 1.45
C HIS A 477 -4.50 -7.82 2.75
N ASP A 478 -5.56 -8.25 3.44
CA ASP A 478 -5.98 -7.74 4.77
C ASP A 478 -4.88 -8.05 5.77
N VAL A 479 -4.40 -7.02 6.49
CA VAL A 479 -3.25 -7.13 7.43
C VAL A 479 -3.64 -6.48 8.77
N ALA A 480 -4.94 -6.48 9.11
CA ALA A 480 -5.50 -5.86 10.34
C ALA A 480 -4.80 -6.39 11.59
N ALA A 481 -4.59 -7.71 11.69
CA ALA A 481 -3.95 -8.38 12.85
C ALA A 481 -2.47 -7.97 12.99
N GLN A 482 -1.83 -7.49 11.92
CA GLN A 482 -0.41 -7.06 11.92
C GLN A 482 -0.30 -5.59 12.36
N HIS A 483 -1.41 -4.86 12.48
CA HIS A 483 -1.43 -3.43 12.89
C HIS A 483 -2.64 -3.14 13.79
N PRO A 484 -2.73 -3.80 14.96
CA PRO A 484 -3.87 -3.61 15.85
C PRO A 484 -3.92 -2.15 16.36
N ASP A 485 -2.75 -1.51 16.47
CA ASP A 485 -2.59 -0.07 16.82
C ASP A 485 -3.40 0.78 15.82
N ILE A 486 -3.25 0.50 14.52
CA ILE A 486 -3.87 1.31 13.43
C ILE A 486 -5.38 1.05 13.42
N VAL A 487 -5.78 -0.18 13.71
CA VAL A 487 -7.23 -0.57 13.70
C VAL A 487 -7.91 0.18 14.84
N LYS A 488 -7.31 0.20 16.03
CA LYS A 488 -7.86 0.90 17.22
C LYS A 488 -7.99 2.40 16.92
N ARG A 489 -6.97 3.02 16.32
CA ARG A 489 -6.98 4.46 15.94
C ARG A 489 -8.13 4.71 14.96
N PHE A 490 -8.36 3.81 14.00
CA PHE A 490 -9.39 3.97 12.94
C PHE A 490 -10.79 3.82 13.53
N GLU A 491 -10.97 2.89 14.46
CA GLU A 491 -12.25 2.68 15.20
C GLU A 491 -12.59 4.00 15.93
N ARG A 492 -11.62 4.60 16.61
CA ARG A 492 -11.78 5.88 17.35
C ARG A 492 -12.19 6.98 16.34
N LEU A 493 -11.44 7.13 15.24
CA LEU A 493 -11.65 8.21 14.24
C LEU A 493 -13.03 8.04 13.58
N MET A 494 -13.53 6.81 13.47
CA MET A 494 -14.87 6.52 12.89
C MET A 494 -15.97 7.06 13.81
N LYS A 495 -15.82 6.93 15.14
CA LYS A 495 -16.77 7.50 16.13
C LYS A 495 -16.74 9.04 16.06
N GLU A 496 -15.55 9.65 16.00
CA GLU A 496 -15.37 11.12 16.00
C GLU A 496 -15.94 11.75 14.72
N ALA A 497 -15.93 11.03 13.59
CA ALA A 497 -16.18 11.60 12.25
C ALA A 497 -17.68 11.68 11.93
N ARG A 498 -18.53 10.90 12.61
CA ARG A 498 -19.93 10.66 12.17
C ARG A 498 -20.94 11.33 13.11
N ASN A 499 -22.10 11.71 12.54
CA ASN A 499 -23.32 12.27 13.19
C ASN A 499 -24.48 11.27 13.12
N GLY A 500 -25.54 11.54 13.86
CA GLY A 500 -26.86 10.90 13.71
C GLY A 500 -26.86 9.49 14.29
N PRO A 501 -27.99 8.76 14.17
CA PRO A 501 -28.08 7.38 14.67
C PRO A 501 -27.01 6.47 14.04
N ASP A 502 -26.34 5.65 14.86
CA ASP A 502 -25.38 4.61 14.42
C ASP A 502 -26.17 3.45 13.78
N PHE A 503 -25.49 2.53 13.12
CA PHE A 503 -26.08 1.31 12.52
C PHE A 503 -25.18 0.09 12.83
N SER B 29 7.36 -32.24 2.92
CA SER B 29 8.38 -31.33 3.53
C SER B 29 8.91 -30.34 2.49
N PRO B 30 8.72 -29.02 2.72
CA PRO B 30 8.93 -28.03 1.68
C PRO B 30 10.38 -27.52 1.58
N ASN B 31 10.66 -26.78 0.50
CA ASN B 31 11.86 -25.95 0.36
C ASN B 31 11.83 -24.90 1.47
N VAL B 32 12.99 -24.48 1.95
CA VAL B 32 13.15 -23.43 3.00
C VAL B 32 14.15 -22.39 2.47
N ILE B 33 13.75 -21.12 2.43
CA ILE B 33 14.63 -19.95 2.14
C ILE B 33 14.66 -19.08 3.40
N TYR B 34 15.83 -18.96 4.03
CA TYR B 34 16.06 -18.17 5.27
C TYR B 34 16.84 -16.90 4.90
N ILE B 35 16.17 -15.76 4.86
CA ILE B 35 16.76 -14.44 4.46
C ILE B 35 17.12 -13.70 5.75
N LEU B 36 18.41 -13.50 5.97
CA LEU B 36 18.98 -12.82 7.16
C LEU B 36 19.69 -11.55 6.69
N MET B 37 19.14 -10.38 7.01
CA MET B 37 19.82 -9.09 6.74
C MET B 37 20.78 -8.83 7.91
N ASP B 38 21.60 -7.79 7.78
CA ASP B 38 22.77 -7.54 8.68
C ASP B 38 22.67 -6.11 9.22
N ASP B 39 22.26 -5.93 10.47
CA ASP B 39 22.10 -4.63 11.15
C ASP B 39 20.79 -3.93 10.71
N LEU B 40 19.82 -4.68 10.19
CA LEU B 40 18.47 -4.16 9.86
C LEU B 40 17.66 -4.07 11.16
N GLY B 41 17.16 -2.89 11.49
CA GLY B 41 16.44 -2.64 12.75
C GLY B 41 14.99 -3.12 12.71
N TYR B 42 14.42 -3.40 13.88
CA TYR B 42 13.01 -3.82 14.08
C TYR B 42 12.09 -2.96 13.21
N GLY B 43 12.36 -1.65 13.14
CA GLY B 43 11.47 -0.67 12.47
C GLY B 43 11.97 -0.20 11.13
N ASP B 44 12.84 -0.96 10.44
CA ASP B 44 13.48 -0.54 9.15
C ASP B 44 12.66 -1.03 7.95
N ILE B 45 11.59 -1.81 8.16
CA ILE B 45 10.70 -2.30 7.07
C ILE B 45 9.28 -1.77 7.30
N GLY B 46 8.58 -1.46 6.20
CA GLY B 46 7.23 -0.87 6.19
C GLY B 46 6.25 -1.59 7.09
N CYS B 47 6.21 -2.93 7.07
CA CYS B 47 5.24 -3.76 7.83
C CYS B 47 5.56 -3.75 9.34
N PHE B 48 6.67 -3.12 9.77
CA PHE B 48 6.98 -2.88 11.20
C PHE B 48 7.04 -1.37 11.51
N GLY B 49 6.48 -0.54 10.62
CA GLY B 49 6.18 0.88 10.89
C GLY B 49 7.12 1.87 10.20
N GLN B 50 8.04 1.42 9.34
CA GLN B 50 9.01 2.31 8.63
C GLN B 50 8.25 3.24 7.68
N ASP B 51 8.50 4.56 7.80
CA ASP B 51 7.79 5.65 7.08
C ASP B 51 8.57 6.17 5.85
N LYS B 52 9.90 6.04 5.80
CA LYS B 52 10.76 6.68 4.77
C LYS B 52 11.24 5.66 3.76
N ILE B 53 11.77 4.54 4.21
CA ILE B 53 12.32 3.46 3.35
C ILE B 53 11.15 2.63 2.79
N GLU B 54 11.08 2.47 1.47
CA GLU B 54 10.03 1.71 0.76
C GLU B 54 10.49 0.25 0.66
N THR B 55 9.72 -0.67 1.24
CA THR B 55 9.96 -2.14 1.25
C THR B 55 8.70 -2.85 0.76
N PRO B 56 8.21 -2.54 -0.46
CA PRO B 56 6.96 -3.11 -0.96
C PRO B 56 6.95 -4.65 -1.03
N HIS B 57 8.05 -5.27 -1.47
CA HIS B 57 8.11 -6.74 -1.72
C HIS B 57 8.17 -7.47 -0.37
N ILE B 58 8.91 -6.92 0.58
CA ILE B 58 8.98 -7.44 1.99
C ILE B 58 7.61 -7.26 2.67
N ASP B 59 6.97 -6.10 2.50
CA ASP B 59 5.62 -5.83 3.09
C ASP B 59 4.62 -6.82 2.49
N ARG B 60 4.70 -7.08 1.18
CA ARG B 60 3.86 -8.07 0.46
C ARG B 60 4.05 -9.46 1.07
N LEU B 61 5.31 -9.85 1.30
CA LEU B 61 5.68 -11.13 1.95
C LEU B 61 4.99 -11.22 3.32
N CYS B 62 5.07 -10.16 4.13
CA CYS B 62 4.42 -10.07 5.46
C CYS B 62 2.90 -10.25 5.31
N SER B 63 2.27 -9.55 4.37
CA SER B 63 0.80 -9.63 4.09
C SER B 63 0.41 -11.07 3.74
N GLU B 64 1.31 -11.87 3.18
CA GLU B 64 1.02 -13.23 2.66
C GLU B 64 1.38 -14.31 3.71
N GLY B 65 1.81 -13.92 4.92
CA GLY B 65 2.17 -14.87 5.98
C GLY B 65 1.99 -14.29 7.38
N ILE B 66 2.77 -14.80 8.35
CA ILE B 66 2.67 -14.43 9.79
C ILE B 66 3.78 -13.44 10.15
N LYS B 67 3.43 -12.46 11.00
CA LYS B 67 4.36 -11.45 11.54
C LYS B 67 4.69 -11.82 12.98
N LEU B 68 5.97 -12.04 13.32
CA LEU B 68 6.41 -12.30 14.71
C LEU B 68 6.91 -10.96 15.31
N THR B 69 6.36 -10.58 16.46
CA THR B 69 6.61 -9.26 17.11
C THR B 69 7.57 -9.39 18.29
N GLN B 70 7.78 -10.61 18.82
CA GLN B 70 8.68 -10.86 19.98
C GLN B 70 9.69 -11.94 19.61
N HIS B 71 10.35 -11.77 18.45
CA HIS B 71 11.42 -12.66 17.93
C HIS B 71 12.79 -12.02 18.19
N TYR B 72 13.70 -12.79 18.78
CA TYR B 72 15.01 -12.30 19.27
C TYR B 72 16.16 -13.02 18.54
N SER B 73 17.21 -12.26 18.24
CA SER B 73 18.51 -12.77 17.77
C SER B 73 19.17 -13.58 18.89
N GLY B 74 20.29 -14.24 18.58
CA GLY B 74 21.16 -14.88 19.58
C GLY B 74 22.00 -13.85 20.31
N SER B 75 22.22 -12.68 19.69
CA SER B 75 23.28 -11.72 20.09
C SER B 75 23.04 -10.36 19.42
N PRO B 76 23.49 -9.25 20.05
CA PRO B 76 23.40 -7.93 19.44
C PRO B 76 24.55 -7.57 18.47
N VAL B 77 25.40 -8.53 18.10
CA VAL B 77 26.44 -8.39 17.03
C VAL B 77 26.45 -9.66 16.14
N SER B 78 27.14 -9.61 14.99
CA SER B 78 26.92 -10.49 13.81
C SER B 78 27.29 -11.94 14.10
N ALA B 79 28.56 -12.22 14.40
CA ALA B 79 29.09 -13.61 14.44
C ALA B 79 28.32 -14.44 15.48
N PRO B 80 28.24 -14.01 16.75
CA PRO B 80 27.53 -14.77 17.76
C PRO B 80 26.03 -14.95 17.44
N ALA B 81 25.38 -13.96 16.84
CA ALA B 81 23.96 -14.09 16.40
C ALA B 81 23.87 -15.28 15.45
N ARG B 82 24.75 -15.29 14.45
CA ARG B 82 24.80 -16.32 13.38
C ARG B 82 25.18 -17.67 13.99
N CYS B 83 26.07 -17.69 14.99
CA CYS B 83 26.50 -18.92 15.69
C CYS B 83 25.28 -19.58 16.37
N VAL B 84 24.47 -18.78 17.07
CA VAL B 84 23.23 -19.26 17.76
C VAL B 84 22.26 -19.80 16.71
N LEU B 85 22.05 -19.06 15.63
CA LEU B 85 21.14 -19.46 14.51
C LEU B 85 21.60 -20.80 13.94
N MET B 86 22.88 -20.92 13.58
CA MET B 86 23.42 -22.12 12.88
C MET B 86 23.36 -23.34 13.81
N THR B 87 23.63 -23.17 15.10
CA THR B 87 23.92 -24.30 16.03
C THR B 87 22.74 -24.62 16.97
N GLY B 88 21.71 -23.77 17.04
CA GLY B 88 20.54 -23.97 17.92
C GLY B 88 20.92 -24.01 19.39
N MET B 89 22.01 -23.33 19.76
CA MET B 89 22.46 -23.15 21.16
C MET B 89 22.43 -21.64 21.45
N HIS B 90 21.91 -21.23 22.60
CA HIS B 90 21.83 -19.79 22.96
C HIS B 90 23.22 -19.28 23.37
N SER B 91 23.37 -17.96 23.45
CA SER B 91 24.66 -17.23 23.59
C SER B 91 25.35 -17.60 24.91
N GLY B 92 24.61 -18.16 25.88
CA GLY B 92 25.16 -18.68 27.14
C GLY B 92 25.85 -20.03 26.97
N HIS B 93 25.58 -20.75 25.87
CA HIS B 93 26.11 -22.12 25.58
C HIS B 93 26.99 -22.13 24.32
N ALA B 94 26.92 -21.11 23.48
CA ALA B 94 27.43 -21.11 22.08
C ALA B 94 28.96 -21.04 22.05
N GLN B 95 29.57 -21.53 20.97
CA GLN B 95 31.04 -21.53 20.73
C GLN B 95 31.56 -20.10 20.55
N ILE B 96 30.80 -19.25 19.85
CA ILE B 96 31.20 -17.87 19.44
C ILE B 96 30.21 -16.90 20.08
N ARG B 97 30.71 -16.04 20.98
CA ARG B 97 29.90 -15.12 21.82
C ARG B 97 30.30 -13.66 21.57
N PHE B 98 31.33 -13.40 20.75
CA PHE B 98 31.76 -12.03 20.33
C PHE B 98 32.41 -12.11 18.96
N ASN B 99 32.61 -10.98 18.29
CA ASN B 99 33.36 -10.88 17.02
C ASN B 99 34.86 -10.97 17.35
N ASN B 100 35.47 -12.10 17.03
CA ASN B 100 36.89 -12.39 17.31
C ASN B 100 37.65 -12.37 15.98
N GLU B 101 38.53 -11.39 15.79
CA GLU B 101 39.25 -11.13 14.51
C GLU B 101 40.59 -11.87 14.52
N LEU B 102 40.90 -12.59 15.61
CA LEU B 102 42.15 -13.37 15.77
C LEU B 102 43.33 -12.51 15.29
N ALA B 103 43.47 -11.33 15.91
CA ALA B 103 44.43 -10.26 15.55
C ALA B 103 45.87 -10.69 15.84
N GLU B 104 46.08 -11.77 16.63
CA GLU B 104 47.40 -12.38 16.94
C GLU B 104 48.02 -12.99 15.69
N ARG B 105 47.26 -13.24 14.62
CA ARG B 105 47.79 -13.86 13.39
C ARG B 105 48.72 -12.89 12.65
N GLY B 106 48.55 -11.58 12.87
CA GLY B 106 49.27 -10.52 12.16
C GLY B 106 48.36 -9.36 11.79
N ALA B 107 48.61 -8.74 10.64
CA ALA B 107 47.98 -7.48 10.19
C ALA B 107 46.58 -7.76 9.60
N VAL B 108 45.67 -8.33 10.40
CA VAL B 108 44.30 -8.74 9.97
C VAL B 108 43.50 -7.50 9.54
N ASN B 109 43.87 -6.33 10.05
CA ASN B 109 43.18 -5.04 9.79
C ASN B 109 43.75 -4.37 8.54
N ASN B 110 44.81 -4.92 7.94
CA ASN B 110 45.41 -4.37 6.70
C ASN B 110 44.84 -5.13 5.51
N TYR B 111 44.09 -4.43 4.65
CA TYR B 111 43.30 -5.02 3.54
C TYR B 111 44.25 -5.48 2.42
N ASP B 112 45.37 -4.77 2.24
CA ASP B 112 46.45 -5.22 1.32
C ASP B 112 46.98 -6.57 1.82
N SER B 113 47.25 -6.67 3.13
CA SER B 113 47.79 -7.89 3.78
C SER B 113 46.79 -9.04 3.66
N VAL B 114 45.49 -8.79 3.87
CA VAL B 114 44.46 -9.89 3.80
C VAL B 114 44.38 -10.39 2.35
N TYR B 115 44.46 -9.49 1.37
CA TYR B 115 44.47 -9.83 -0.09
C TYR B 115 45.65 -10.75 -0.38
N VAL B 116 46.83 -10.48 0.18
CA VAL B 116 48.05 -11.27 -0.10
C VAL B 116 47.99 -12.57 0.71
N HIS B 117 47.56 -12.50 1.97
CA HIS B 117 47.61 -13.62 2.95
C HIS B 117 46.19 -13.96 3.43
N LYS B 118 45.59 -15.01 2.85
CA LYS B 118 44.24 -15.51 3.18
C LYS B 118 44.23 -15.99 4.64
N GLU B 119 45.39 -16.38 5.16
CA GLU B 119 45.60 -16.80 6.57
C GLU B 119 45.18 -15.69 7.54
N LEU B 120 45.14 -14.43 7.08
CA LEU B 120 44.85 -13.23 7.92
C LEU B 120 43.37 -12.86 7.81
N GLU B 121 42.64 -13.49 6.89
CA GLU B 121 41.23 -13.15 6.56
C GLU B 121 40.31 -13.76 7.63
N GLY B 122 39.17 -13.11 7.88
CA GLY B 122 37.98 -13.72 8.51
C GLY B 122 38.11 -13.83 10.02
N GLN B 123 37.26 -14.68 10.62
CA GLN B 123 36.89 -14.66 12.06
C GLN B 123 37.13 -16.01 12.71
N PHE B 124 37.03 -16.07 14.04
CA PHE B 124 37.19 -17.29 14.87
C PHE B 124 36.31 -18.38 14.24
N PRO B 125 36.82 -19.61 14.03
CA PRO B 125 36.04 -20.66 13.38
C PRO B 125 35.14 -21.52 14.30
N LEU B 126 33.98 -21.91 13.78
CA LEU B 126 33.18 -23.05 14.33
C LEU B 126 34.11 -24.25 14.42
N GLN B 127 33.91 -25.12 15.42
CA GLN B 127 34.71 -26.36 15.59
C GLN B 127 34.33 -27.36 14.48
N ALA B 128 35.26 -28.23 14.10
CA ALA B 128 35.05 -29.32 13.13
C ALA B 128 33.85 -30.17 13.58
N ASN B 129 32.97 -30.50 12.64
CA ASN B 129 31.81 -31.45 12.80
C ASN B 129 30.71 -30.86 13.68
N THR B 130 30.72 -29.56 13.94
CA THR B 130 29.64 -28.85 14.67
C THR B 130 28.31 -29.11 13.94
N MET B 131 27.35 -29.73 14.61
CA MET B 131 25.98 -29.86 14.06
C MET B 131 25.43 -28.46 13.80
N THR B 132 25.16 -28.13 12.53
CA THR B 132 24.50 -26.87 12.11
C THR B 132 23.15 -27.18 11.45
N ILE B 133 22.31 -26.17 11.26
CA ILE B 133 21.00 -26.32 10.55
C ILE B 133 21.29 -26.72 9.09
N GLY B 134 22.42 -26.26 8.54
CA GLY B 134 22.88 -26.71 7.21
C GLY B 134 23.09 -28.20 7.16
N ARG B 135 23.94 -28.71 8.06
CA ARG B 135 24.28 -30.15 8.22
C ARG B 135 23.02 -30.96 8.47
N MET B 136 22.18 -30.53 9.42
CA MET B 136 20.92 -31.22 9.79
C MET B 136 20.03 -31.39 8.55
N MET B 137 19.86 -30.34 7.74
CA MET B 137 19.00 -30.36 6.54
C MET B 137 19.64 -31.24 5.46
N GLN B 138 20.97 -31.16 5.30
CA GLN B 138 21.76 -32.05 4.40
C GLN B 138 21.44 -33.52 4.71
N GLN B 139 21.42 -33.92 5.98
CA GLN B 139 21.23 -35.36 6.31
C GLN B 139 19.75 -35.73 6.22
N ALA B 140 18.85 -34.75 6.09
CA ALA B 140 17.41 -34.95 5.80
C ALA B 140 17.16 -35.09 4.29
N GLY B 141 18.19 -34.88 3.44
CA GLY B 141 18.11 -35.02 1.97
C GLY B 141 17.95 -33.69 1.23
N TYR B 142 18.16 -32.55 1.90
CA TYR B 142 18.13 -31.21 1.27
C TYR B 142 19.50 -30.92 0.66
N THR B 143 19.53 -30.23 -0.48
CA THR B 143 20.71 -29.55 -1.06
C THR B 143 20.82 -28.17 -0.39
N THR B 144 21.93 -27.89 0.30
CA THR B 144 22.09 -26.68 1.15
C THR B 144 22.98 -25.65 0.46
N GLY B 145 22.65 -24.37 0.64
CA GLY B 145 23.34 -23.23 0.03
C GLY B 145 23.36 -22.04 0.97
N CYS B 146 24.46 -21.32 1.01
CA CYS B 146 24.61 -20.06 1.77
C CYS B 146 25.15 -19.01 0.81
N PHE B 147 24.42 -17.91 0.60
CA PHE B 147 24.79 -16.81 -0.32
C PHE B 147 24.74 -15.48 0.44
N GLY B 148 25.87 -14.78 0.49
CA GLY B 148 26.03 -13.47 1.13
C GLY B 148 27.32 -13.37 1.93
N LYS B 149 27.23 -13.62 3.25
CA LYS B 149 28.32 -13.41 4.22
C LYS B 149 28.36 -14.63 5.14
N TRP B 150 29.55 -15.03 5.57
CA TRP B 150 29.76 -16.16 6.51
C TRP B 150 30.07 -15.60 7.92
N GLY B 151 31.32 -15.24 8.21
CA GLY B 151 31.76 -14.64 9.49
C GLY B 151 31.98 -15.67 10.60
N LEU B 152 31.91 -16.96 10.28
CA LEU B 152 31.94 -18.05 11.30
C LEU B 152 33.17 -18.94 11.12
N GLY B 153 34.17 -18.53 10.32
CA GLY B 153 35.45 -19.25 10.24
C GLY B 153 36.28 -18.81 9.05
N TYR B 154 37.56 -18.52 9.30
CA TYR B 154 38.52 -17.98 8.31
C TYR B 154 38.81 -19.02 7.24
N PRO B 155 39.22 -18.60 6.02
CA PRO B 155 39.57 -19.54 4.95
C PRO B 155 40.73 -20.45 5.36
N GLY B 156 40.61 -21.76 5.07
CA GLY B 156 41.56 -22.80 5.51
C GLY B 156 41.18 -23.43 6.84
N SER B 157 40.32 -22.78 7.63
CA SER B 157 39.84 -23.29 8.96
C SER B 157 38.83 -24.42 8.75
N GLU B 158 38.50 -25.14 9.82
CA GLU B 158 37.46 -26.20 9.83
C GLU B 158 36.08 -25.56 9.99
N GLY B 159 36.01 -24.23 10.09
CA GLY B 159 34.76 -23.46 10.28
C GLY B 159 34.19 -22.88 9.00
N THR B 160 34.72 -23.25 7.83
CA THR B 160 34.28 -22.71 6.51
C THR B 160 32.89 -23.25 6.21
N PRO B 161 32.05 -22.53 5.45
CA PRO B 161 30.67 -22.94 5.22
C PRO B 161 30.55 -24.34 4.59
N ASN B 162 31.47 -24.71 3.69
CA ASN B 162 31.45 -26.01 2.99
C ASN B 162 31.77 -27.14 3.97
N LYS B 163 32.40 -26.83 5.10
CA LYS B 163 32.72 -27.83 6.16
C LYS B 163 31.73 -27.71 7.31
N GLN B 164 30.67 -26.92 7.15
CA GLN B 164 29.66 -26.62 8.21
C GLN B 164 28.24 -26.75 7.64
N GLY B 165 28.04 -27.70 6.75
CA GLY B 165 26.70 -28.18 6.33
C GLY B 165 26.17 -27.47 5.09
N PHE B 166 27.03 -26.79 4.32
CA PHE B 166 26.63 -26.11 3.06
C PHE B 166 27.34 -26.75 1.87
N ASP B 167 26.55 -27.32 0.97
CA ASP B 167 27.01 -27.89 -0.32
C ASP B 167 27.55 -26.77 -1.18
N ARG B 168 26.99 -25.57 -1.00
CA ARG B 168 27.22 -24.41 -1.90
C ARG B 168 27.36 -23.14 -1.07
N PHE B 169 28.45 -22.40 -1.26
CA PHE B 169 28.66 -21.04 -0.71
C PHE B 169 29.09 -20.10 -1.83
N TYR B 170 28.57 -18.88 -1.82
CA TYR B 170 29.12 -17.74 -2.60
C TYR B 170 29.01 -16.45 -1.78
N GLY B 171 30.09 -15.67 -1.76
CA GLY B 171 30.09 -14.31 -1.21
C GLY B 171 31.29 -14.06 -0.34
N TYR B 172 31.11 -13.31 0.75
CA TYR B 172 32.19 -12.92 1.68
C TYR B 172 32.37 -13.99 2.75
N ASN B 173 33.59 -14.43 2.95
CA ASN B 173 33.98 -15.23 4.15
C ASN B 173 33.98 -14.32 5.37
N CYS B 174 34.41 -13.07 5.17
CA CYS B 174 34.99 -12.21 6.22
C CYS B 174 34.10 -10.98 6.43
N GLN B 175 33.75 -10.74 7.69
CA GLN B 175 32.96 -9.58 8.16
C GLN B 175 33.73 -8.27 7.94
N ARG B 176 35.07 -8.30 7.94
CA ARG B 176 35.91 -7.10 7.68
C ARG B 176 35.91 -6.80 6.18
N GLN B 177 35.99 -7.82 5.33
CA GLN B 177 35.97 -7.68 3.85
C GLN B 177 34.68 -6.98 3.40
N SER B 178 33.55 -7.27 4.04
CA SER B 178 32.21 -6.74 3.62
C SER B 178 32.06 -5.27 4.03
N HIS B 179 33.08 -4.64 4.64
CA HIS B 179 33.07 -3.18 4.94
C HIS B 179 33.11 -2.38 3.65
N THR B 180 33.40 -3.01 2.51
CA THR B 180 33.21 -2.45 1.16
C THR B 180 32.33 -3.39 0.33
N TYR B 181 31.49 -2.83 -0.55
CA TYR B 181 30.59 -3.57 -1.47
C TYR B 181 31.23 -3.69 -2.86
N TYR B 182 32.48 -3.24 -3.00
CA TYR B 182 33.33 -3.42 -4.21
C TYR B 182 34.64 -4.08 -3.77
N PRO B 183 34.57 -5.32 -3.24
CA PRO B 183 35.75 -6.02 -2.74
C PRO B 183 36.59 -6.57 -3.87
N PRO B 184 37.90 -6.81 -3.64
CA PRO B 184 38.79 -7.32 -4.69
C PRO B 184 38.51 -8.80 -5.04
N PHE B 185 37.83 -9.53 -4.15
CA PHE B 185 37.51 -10.96 -4.36
C PHE B 185 36.28 -11.35 -3.53
N LEU B 186 35.66 -12.47 -3.90
CA LEU B 186 34.67 -13.20 -3.07
C LEU B 186 35.06 -14.67 -3.09
N TYR B 187 34.27 -15.53 -2.44
CA TYR B 187 34.48 -17.00 -2.45
C TYR B 187 33.34 -17.64 -3.23
N ASN B 188 33.72 -18.53 -4.15
CA ASN B 188 32.86 -19.60 -4.72
C ASN B 188 33.28 -20.88 -4.02
N ASP B 189 32.45 -21.37 -3.10
CA ASP B 189 32.77 -22.50 -2.20
C ASP B 189 34.10 -22.17 -1.51
N GLU B 190 35.11 -23.02 -1.63
CA GLU B 190 36.38 -22.91 -0.87
C GLU B 190 37.38 -22.00 -1.62
N GLU B 191 37.08 -21.60 -2.86
CA GLU B 191 38.02 -20.89 -3.78
C GLU B 191 37.71 -19.39 -3.84
N ARG B 192 38.75 -18.56 -3.79
CA ARG B 192 38.64 -17.12 -4.15
C ARG B 192 38.33 -16.98 -5.64
N VAL B 193 37.38 -16.12 -5.99
CA VAL B 193 37.21 -15.59 -7.37
C VAL B 193 37.52 -14.10 -7.30
N TYR B 194 38.53 -13.68 -8.06
CA TYR B 194 39.03 -12.29 -8.09
C TYR B 194 38.11 -11.49 -9.01
N LEU B 195 37.70 -10.31 -8.55
CA LEU B 195 36.85 -9.35 -9.29
C LEU B 195 37.74 -8.25 -9.90
N SER B 196 37.16 -7.40 -10.75
CA SER B 196 37.83 -6.28 -11.45
C SER B 196 37.99 -5.07 -10.52
N ASN B 197 37.45 -5.14 -9.30
CA ASN B 197 37.56 -4.09 -8.27
C ASN B 197 39.00 -4.06 -7.72
N LYS B 198 39.57 -2.86 -7.56
CA LYS B 198 40.89 -2.66 -6.92
C LYS B 198 40.74 -2.87 -5.41
N VAL B 199 41.76 -3.40 -4.76
CA VAL B 199 41.83 -3.56 -3.28
C VAL B 199 41.75 -2.17 -2.64
N THR B 200 40.88 -2.03 -1.64
CA THR B 200 40.68 -0.78 -0.88
C THR B 200 40.65 -1.11 0.60
N ASP B 201 40.96 -0.11 1.43
CA ASP B 201 40.71 -0.09 2.89
C ASP B 201 39.57 0.89 3.15
N PRO B 202 38.34 0.40 3.39
CA PRO B 202 37.18 1.28 3.54
C PRO B 202 37.22 2.18 4.78
N HIS B 203 38.19 1.98 5.68
CA HIS B 203 38.44 2.83 6.89
C HIS B 203 39.60 3.81 6.67
N ARG B 204 40.33 3.70 5.55
CA ARG B 204 41.47 4.60 5.22
C ARG B 204 41.37 5.03 3.75
N SER B 205 40.18 5.43 3.32
CA SER B 205 39.90 5.96 1.95
C SER B 205 39.17 7.28 2.08
N PRO B 206 39.80 8.31 2.66
CA PRO B 206 39.14 9.62 2.81
C PRO B 206 39.03 10.30 1.43
N LEU B 207 38.29 11.39 1.35
CA LEU B 207 38.17 12.21 0.11
C LEU B 207 39.57 12.68 -0.31
N ASP B 208 39.80 12.85 -1.61
CA ASP B 208 41.05 13.48 -2.14
C ASP B 208 41.22 14.84 -1.45
N LYS B 209 42.46 15.23 -1.16
CA LYS B 209 42.75 16.53 -0.50
C LYS B 209 42.21 17.65 -1.39
N GLY B 210 41.45 18.57 -0.79
CA GLY B 210 40.87 19.76 -1.45
C GLY B 210 39.67 19.43 -2.33
N ALA B 211 39.15 18.19 -2.28
CA ALA B 211 37.93 17.77 -3.00
C ALA B 211 36.71 18.30 -2.24
N ASP B 212 35.75 18.90 -2.97
CA ASP B 212 34.50 19.47 -2.38
C ASP B 212 33.66 18.30 -1.86
N PRO B 213 33.40 18.20 -0.52
CA PRO B 213 32.57 17.14 0.02
C PRO B 213 31.09 17.22 -0.41
N ASN B 214 30.67 18.39 -0.92
CA ASN B 214 29.29 18.65 -1.42
C ASN B 214 29.16 18.25 -2.89
N ASP B 215 30.29 18.06 -3.61
CA ASP B 215 30.31 17.63 -5.03
C ASP B 215 30.23 16.10 -5.08
N PRO B 216 29.18 15.52 -5.70
CA PRO B 216 29.08 14.06 -5.83
C PRO B 216 30.24 13.40 -6.58
N ALA B 217 30.87 14.14 -7.50
CA ALA B 217 32.05 13.68 -8.29
C ALA B 217 33.20 13.27 -7.36
N SER B 218 33.27 13.84 -6.14
CA SER B 218 34.31 13.56 -5.11
C SER B 218 34.18 12.11 -4.59
N TYR B 219 33.02 11.47 -4.82
CA TYR B 219 32.67 10.13 -4.27
C TYR B 219 32.68 9.07 -5.38
N ALA B 220 32.89 9.45 -6.64
CA ALA B 220 32.93 8.55 -7.83
C ALA B 220 33.83 7.34 -7.58
N LYS B 221 35.00 7.54 -6.96
CA LYS B 221 36.06 6.50 -6.77
C LYS B 221 35.58 5.36 -5.85
N TYR B 222 34.54 5.57 -5.05
CA TYR B 222 34.02 4.56 -4.08
C TYR B 222 33.18 3.53 -4.83
N THR B 223 32.62 3.89 -5.99
CA THR B 223 31.91 2.98 -6.93
C THR B 223 32.95 2.44 -7.93
N GLN B 224 33.12 1.12 -8.00
CA GLN B 224 34.02 0.42 -8.96
C GLN B 224 33.15 -0.40 -9.93
N LYS B 225 33.55 -1.63 -10.32
CA LYS B 225 32.96 -2.36 -11.48
C LYS B 225 31.89 -3.35 -11.01
N GLU B 226 32.13 -4.07 -9.91
CA GLU B 226 31.33 -5.25 -9.49
C GLU B 226 30.79 -5.05 -8.07
N TYR B 227 29.53 -4.64 -7.96
CA TYR B 227 28.77 -4.53 -6.69
C TYR B 227 28.54 -5.96 -6.18
N ALA B 228 29.14 -6.32 -5.05
CA ALA B 228 29.12 -7.70 -4.49
C ALA B 228 27.69 -8.26 -4.46
N ASN B 229 26.70 -7.43 -4.13
CA ASN B 229 25.29 -7.86 -3.91
C ASN B 229 24.65 -8.29 -5.23
N ASP B 230 25.04 -7.69 -6.36
CA ASP B 230 24.57 -8.12 -7.71
C ASP B 230 25.05 -9.57 -7.94
N LEU B 231 26.32 -9.85 -7.64
CA LEU B 231 27.00 -11.16 -7.89
C LEU B 231 26.38 -12.23 -6.97
N ILE B 232 26.23 -11.90 -5.69
CA ILE B 232 25.65 -12.81 -4.66
C ILE B 232 24.25 -13.25 -5.12
N PHE B 233 23.46 -12.32 -5.65
CA PHE B 233 22.06 -12.57 -6.09
C PHE B 233 22.06 -13.50 -7.33
N ASP B 234 22.86 -13.19 -8.34
CA ASP B 234 22.99 -14.00 -9.58
C ASP B 234 23.34 -15.45 -9.20
N GLU B 235 24.21 -15.64 -8.21
CA GLU B 235 24.64 -16.99 -7.74
C GLU B 235 23.49 -17.66 -6.97
N LEU B 236 22.80 -16.94 -6.09
CA LEU B 236 21.60 -17.47 -5.37
C LEU B 236 20.55 -17.95 -6.38
N MET B 237 20.26 -17.13 -7.40
CA MET B 237 19.22 -17.41 -8.42
C MET B 237 19.63 -18.60 -9.29
N GLY B 238 20.93 -18.79 -9.51
CA GLY B 238 21.51 -19.95 -10.23
C GLY B 238 21.34 -21.24 -9.44
N PHE B 239 21.47 -21.14 -8.11
CA PHE B 239 21.28 -22.27 -7.16
C PHE B 239 19.80 -22.71 -7.18
N VAL B 240 18.88 -21.75 -7.12
CA VAL B 240 17.42 -22.01 -7.17
C VAL B 240 17.10 -22.70 -8.50
N ASP B 241 17.64 -22.16 -9.61
CA ASP B 241 17.39 -22.67 -10.99
C ASP B 241 17.90 -24.12 -11.10
N ALA B 242 19.04 -24.42 -10.45
CA ALA B 242 19.70 -25.75 -10.51
C ALA B 242 18.99 -26.77 -9.61
N ASN B 243 18.38 -26.33 -8.51
CA ASN B 243 17.74 -27.25 -7.52
C ASN B 243 16.21 -27.07 -7.54
N LYS B 244 15.64 -26.57 -8.64
CA LYS B 244 14.19 -26.22 -8.73
C LYS B 244 13.32 -27.48 -8.72
N ARG B 245 13.89 -28.67 -8.91
CA ARG B 245 13.12 -29.95 -8.94
C ARG B 245 13.60 -30.86 -7.81
N LYS B 246 14.26 -30.28 -6.80
CA LYS B 246 14.87 -31.01 -5.65
C LYS B 246 14.58 -30.26 -4.36
N PRO B 247 14.55 -30.94 -3.18
CA PRO B 247 14.46 -30.23 -1.90
C PRO B 247 15.72 -29.38 -1.64
N PHE B 248 15.56 -28.07 -1.41
CA PHE B 248 16.71 -27.18 -1.11
C PHE B 248 16.44 -26.37 0.17
N PHE B 249 17.50 -26.18 0.95
CA PHE B 249 17.60 -25.26 2.11
C PHE B 249 18.65 -24.19 1.77
N LEU B 250 18.18 -22.94 1.61
CA LEU B 250 18.95 -21.79 1.06
C LEU B 250 19.00 -20.69 2.12
N MET B 251 20.19 -20.30 2.57
CA MET B 251 20.33 -19.14 3.51
C MET B 251 20.89 -17.96 2.72
N TRP B 252 20.08 -16.90 2.62
CA TRP B 252 20.45 -15.62 1.97
C TRP B 252 20.95 -14.69 3.07
N THR B 253 22.23 -14.79 3.44
CA THR B 253 22.87 -14.03 4.53
C THR B 253 23.49 -12.77 3.94
N THR B 254 22.66 -11.86 3.42
CA THR B 254 23.10 -10.60 2.80
C THR B 254 23.84 -9.75 3.85
N PRO B 255 24.99 -9.16 3.47
CA PRO B 255 25.64 -8.14 4.29
C PRO B 255 24.83 -6.83 4.37
N LEU B 256 23.83 -6.63 3.50
CA LEU B 256 22.98 -5.41 3.55
C LEU B 256 22.09 -5.47 4.79
N PRO B 257 21.78 -4.31 5.43
CA PRO B 257 22.35 -3.01 5.07
C PRO B 257 23.51 -2.55 5.97
N HIS B 258 24.42 -3.46 6.32
CA HIS B 258 25.68 -3.14 7.05
C HIS B 258 26.46 -2.09 6.26
N VAL B 259 27.03 -1.10 6.94
CA VAL B 259 27.94 -0.08 6.34
C VAL B 259 29.16 -0.81 5.78
N SER B 260 29.85 -0.25 4.77
CA SER B 260 29.72 1.12 4.28
C SER B 260 28.41 1.35 3.51
N LEU B 261 28.02 2.62 3.42
CA LEU B 261 26.84 3.08 2.64
C LEU B 261 27.22 3.15 1.17
N GLN B 262 26.88 2.09 0.42
CA GLN B 262 27.08 2.01 -1.05
C GLN B 262 25.87 1.30 -1.67
N ALA B 263 25.30 1.91 -2.70
CA ALA B 263 24.12 1.41 -3.43
C ALA B 263 24.18 1.90 -4.87
N PRO B 264 23.53 1.19 -5.80
CA PRO B 264 23.46 1.62 -7.20
C PRO B 264 22.84 3.01 -7.28
N GLU B 265 23.40 3.85 -8.16
CA GLU B 265 23.03 5.28 -8.36
C GLU B 265 21.51 5.41 -8.57
N ARG B 266 20.90 4.48 -9.30
N ARG B 266 20.87 4.48 -9.27
CA ARG B 266 19.45 4.50 -9.61
CA ARG B 266 19.42 4.58 -9.61
C ARG B 266 18.67 4.60 -8.29
C ARG B 266 18.59 4.55 -8.31
N TRP B 267 19.02 3.80 -7.28
CA TRP B 267 18.30 3.72 -5.99
C TRP B 267 18.65 4.91 -5.08
N VAL B 268 19.90 5.38 -5.11
CA VAL B 268 20.31 6.57 -4.33
C VAL B 268 19.51 7.78 -4.83
N GLN B 269 19.41 7.97 -6.15
CA GLN B 269 18.76 9.17 -6.76
C GLN B 269 17.25 9.15 -6.44
N HIS B 270 16.61 7.98 -6.44
CA HIS B 270 15.19 7.80 -6.04
C HIS B 270 14.97 8.49 -4.69
N TYR B 271 15.87 8.27 -3.73
CA TYR B 271 15.73 8.77 -2.33
C TYR B 271 16.30 10.19 -2.20
N VAL B 272 17.17 10.62 -3.10
CA VAL B 272 17.60 12.05 -3.16
C VAL B 272 16.39 12.90 -3.57
N LYS B 273 15.59 12.42 -4.53
CA LYS B 273 14.32 13.06 -4.99
C LYS B 273 13.31 13.13 -3.83
N LYS B 274 13.18 12.04 -3.08
CA LYS B 274 12.17 11.90 -1.99
C LYS B 274 12.58 12.74 -0.77
N PHE B 275 13.80 12.58 -0.27
CA PHE B 275 14.30 13.20 0.98
C PHE B 275 14.83 14.61 0.72
N GLY B 276 15.44 14.83 -0.44
CA GLY B 276 16.10 16.10 -0.81
C GLY B 276 17.59 16.06 -0.48
N ASP B 277 18.26 17.21 -0.60
CA ASP B 277 19.71 17.35 -0.28
C ASP B 277 19.90 17.10 1.21
N GLU B 278 21.10 16.66 1.60
CA GLU B 278 21.46 16.34 3.01
C GLU B 278 22.96 16.60 3.21
N LYS B 279 23.38 16.73 4.47
CA LYS B 279 24.80 16.77 4.92
C LYS B 279 25.50 15.52 4.40
N PRO B 280 26.69 15.65 3.77
CA PRO B 280 27.48 14.48 3.38
C PRO B 280 28.14 13.81 4.59
N TYR B 281 28.47 12.53 4.46
CA TYR B 281 29.25 11.74 5.44
C TYR B 281 30.70 11.65 4.97
N THR B 282 31.66 12.07 5.81
CA THR B 282 33.10 12.22 5.45
C THR B 282 33.94 11.12 6.13
N GLY B 283 33.31 10.18 6.83
CA GLY B 283 33.99 9.01 7.43
C GLY B 283 34.36 9.20 8.88
N GLN B 284 33.79 10.21 9.56
CA GLN B 284 34.12 10.57 10.97
C GLN B 284 33.83 9.39 11.91
N ALA B 285 32.84 8.56 11.59
CA ALA B 285 32.43 7.40 12.40
C ALA B 285 32.81 6.09 11.70
N GLY B 286 33.93 6.08 10.98
CA GLY B 286 34.46 4.90 10.28
C GLY B 286 33.80 4.65 8.92
N TYR B 287 34.28 3.67 8.18
CA TYR B 287 33.72 3.23 6.87
C TYR B 287 33.89 4.36 5.84
N LEU B 288 33.36 4.14 4.64
CA LEU B 288 33.60 5.02 3.47
C LEU B 288 32.80 6.31 3.62
N PRO B 289 33.35 7.46 3.18
CA PRO B 289 32.53 8.63 2.90
C PRO B 289 31.37 8.27 1.97
N CYS B 290 30.25 8.98 2.12
CA CYS B 290 29.00 8.82 1.34
C CYS B 290 28.36 10.21 1.19
N ARG B 291 28.16 10.67 -0.04
CA ARG B 291 27.59 12.01 -0.34
C ARG B 291 26.21 12.13 0.31
N TYR B 292 25.38 11.08 0.20
CA TYR B 292 23.94 11.07 0.61
C TYR B 292 23.67 9.88 1.54
N PRO B 293 24.08 9.96 2.82
CA PRO B 293 23.95 8.82 3.75
C PRO B 293 22.52 8.32 3.97
N HIS B 294 21.54 9.21 4.13
CA HIS B 294 20.10 8.84 4.30
C HIS B 294 19.61 8.15 3.03
N ALA B 295 19.77 8.81 1.88
CA ALA B 295 19.33 8.29 0.57
C ALA B 295 19.99 6.92 0.32
N THR B 296 21.26 6.76 0.68
CA THR B 296 22.04 5.53 0.38
C THR B 296 21.59 4.39 1.30
N TYR B 297 21.37 4.67 2.59
CA TYR B 297 20.87 3.63 3.54
C TYR B 297 19.51 3.12 3.07
N ALA B 298 18.60 4.02 2.67
CA ALA B 298 17.28 3.67 2.12
C ALA B 298 17.45 2.91 0.80
N ALA B 299 18.33 3.39 -0.07
CA ALA B 299 18.66 2.75 -1.37
C ALA B 299 19.06 1.29 -1.13
N MET B 300 19.88 1.04 -0.12
CA MET B 300 20.45 -0.31 0.16
C MET B 300 19.30 -1.27 0.49
N ILE B 301 18.40 -0.87 1.37
CA ILE B 301 17.27 -1.75 1.84
C ILE B 301 16.28 -1.96 0.70
N SER B 302 15.96 -0.92 -0.09
CA SER B 302 14.96 -0.99 -1.18
C SER B 302 15.50 -1.83 -2.36
N TYR B 303 16.81 -1.71 -2.64
CA TYR B 303 17.50 -2.54 -3.66
C TYR B 303 17.37 -4.01 -3.26
N PHE B 304 17.64 -4.34 -2.00
CA PHE B 304 17.53 -5.74 -1.50
C PHE B 304 16.08 -6.19 -1.58
N ASP B 305 15.15 -5.30 -1.18
CA ASP B 305 13.69 -5.51 -1.33
C ASP B 305 13.38 -5.93 -2.77
N GLU B 306 13.90 -5.20 -3.76
CA GLU B 306 13.68 -5.49 -5.20
C GLU B 306 14.22 -6.89 -5.54
N GLN B 307 15.33 -7.31 -4.94
CA GLN B 307 15.91 -8.66 -5.19
C GLN B 307 14.96 -9.73 -4.65
N ILE B 308 14.39 -9.53 -3.46
CA ILE B 308 13.41 -10.50 -2.87
C ILE B 308 12.22 -10.63 -3.83
N GLY B 309 11.74 -9.50 -4.35
CA GLY B 309 10.67 -9.45 -5.37
C GLY B 309 11.01 -10.31 -6.58
N GLN B 310 12.25 -10.25 -7.07
CA GLN B 310 12.69 -11.04 -8.26
C GLN B 310 12.70 -12.53 -7.90
N LEU B 311 13.13 -12.87 -6.68
CA LEU B 311 13.18 -14.27 -6.18
C LEU B 311 11.76 -14.84 -6.11
N ILE B 312 10.79 -14.08 -5.59
CA ILE B 312 9.37 -14.52 -5.47
C ILE B 312 8.86 -14.82 -6.89
N GLU B 313 9.08 -13.91 -7.84
CA GLU B 313 8.74 -14.08 -9.28
C GLU B 313 9.28 -15.43 -9.78
N LYS B 314 10.55 -15.73 -9.52
CA LYS B 314 11.20 -16.97 -10.01
C LYS B 314 10.51 -18.19 -9.39
N LEU B 315 10.27 -18.16 -8.07
CA LEU B 315 9.61 -19.27 -7.33
C LEU B 315 8.23 -19.54 -7.96
N LYS B 316 7.45 -18.48 -8.23
CA LYS B 316 6.09 -18.57 -8.85
C LYS B 316 6.21 -19.14 -10.27
N ALA B 317 7.13 -18.61 -11.09
CA ALA B 317 7.33 -19.02 -12.50
C ALA B 317 7.74 -20.50 -12.58
N GLU B 318 8.46 -21.01 -11.57
CA GLU B 318 8.95 -22.42 -11.51
C GLU B 318 8.00 -23.28 -10.65
N HIS B 319 6.85 -22.73 -10.25
CA HIS B 319 5.79 -23.45 -9.49
C HIS B 319 6.35 -23.95 -8.16
N LEU B 320 7.20 -23.14 -7.51
CA LEU B 320 7.83 -23.47 -6.20
C LEU B 320 7.15 -22.70 -5.07
N TYR B 321 6.37 -21.65 -5.37
CA TYR B 321 5.88 -20.65 -4.36
C TYR B 321 5.09 -21.34 -3.25
N GLU B 322 4.24 -22.32 -3.57
CA GLU B 322 3.35 -22.99 -2.60
C GLU B 322 4.14 -24.00 -1.77
N ASN B 323 5.27 -24.51 -2.31
CA ASN B 323 6.06 -25.61 -1.69
C ASN B 323 7.35 -25.07 -1.07
N THR B 324 7.38 -23.77 -0.71
CA THR B 324 8.59 -23.09 -0.16
C THR B 324 8.16 -22.22 1.03
N LEU B 325 8.76 -22.49 2.19
CA LEU B 325 8.64 -21.65 3.42
C LEU B 325 9.78 -20.63 3.40
N ILE B 326 9.44 -19.36 3.61
CA ILE B 326 10.41 -18.24 3.57
C ILE B 326 10.39 -17.55 4.93
N VAL B 327 11.56 -17.44 5.58
CA VAL B 327 11.80 -16.60 6.77
C VAL B 327 12.54 -15.35 6.31
N PHE B 328 12.13 -14.18 6.81
CA PHE B 328 12.86 -12.90 6.67
C PHE B 328 13.09 -12.31 8.06
N THR B 329 14.34 -12.01 8.39
CA THR B 329 14.72 -11.42 9.71
C THR B 329 16.07 -10.72 9.58
N SER B 330 16.58 -10.24 10.71
CA SER B 330 17.88 -9.51 10.85
C SER B 330 18.69 -10.19 11.97
N ASP B 331 20.01 -10.08 11.92
CA ASP B 331 20.90 -10.77 12.89
C ASP B 331 21.01 -9.95 14.18
N ASN B 332 20.73 -8.65 14.15
CA ASN B 332 20.78 -7.80 15.36
C ASN B 332 20.20 -6.41 15.06
N GLY B 333 20.12 -5.56 16.09
CA GLY B 333 19.54 -4.21 16.01
C GLY B 333 20.36 -3.30 15.12
N PRO B 334 19.85 -2.09 14.83
CA PRO B 334 20.50 -1.17 13.92
C PRO B 334 21.71 -0.46 14.56
N THR B 335 22.61 0.04 13.73
CA THR B 335 23.96 0.49 14.17
C THR B 335 23.93 1.98 14.51
N PHE B 336 25.10 2.51 14.88
CA PHE B 336 25.33 3.88 15.42
C PHE B 336 26.52 4.54 14.69
N ASN B 337 27.11 3.92 13.67
CA ASN B 337 28.34 4.44 13.01
C ASN B 337 28.23 4.30 11.48
N GLY B 338 29.32 4.63 10.78
CA GLY B 338 29.48 4.39 9.34
C GLY B 338 28.60 5.28 8.47
N GLY B 339 28.04 6.34 9.06
CA GLY B 339 27.12 7.27 8.38
C GLY B 339 25.67 6.82 8.49
N SER B 340 25.39 5.73 9.20
CA SER B 340 24.01 5.33 9.63
C SER B 340 23.37 6.51 10.35
N ASP B 341 22.05 6.59 10.33
CA ASP B 341 21.27 7.57 11.13
C ASP B 341 20.00 6.87 11.60
N SER B 342 20.17 5.92 12.51
CA SER B 342 19.09 5.06 13.04
C SER B 342 17.96 5.89 13.64
N PRO B 343 18.24 6.93 14.46
CA PRO B 343 17.18 7.76 15.04
C PRO B 343 16.33 8.46 13.96
N TRP B 344 16.95 8.97 12.89
CA TRP B 344 16.28 9.69 11.77
C TRP B 344 15.28 8.76 11.04
N PHE B 345 15.63 7.49 10.86
CA PHE B 345 14.78 6.45 10.23
C PHE B 345 13.87 5.79 11.27
N ASN B 346 14.09 6.08 12.55
CA ASN B 346 13.51 5.31 13.69
C ASN B 346 13.71 3.81 13.41
N SER B 347 14.95 3.37 13.22
CA SER B 347 15.30 1.97 12.84
C SER B 347 14.94 0.99 13.96
N GLY B 348 14.86 1.47 15.20
CA GLY B 348 14.42 0.66 16.35
C GLY B 348 12.93 0.39 16.35
N GLY B 349 12.15 1.20 15.62
CA GLY B 349 10.67 1.09 15.57
C GLY B 349 10.04 1.45 16.91
N LEU B 350 9.71 0.45 17.72
CA LEU B 350 9.25 0.64 19.13
C LEU B 350 10.41 1.11 20.01
N PHE B 351 11.67 0.80 19.65
CA PHE B 351 12.82 0.89 20.57
C PHE B 351 13.73 2.06 20.16
N ASN B 352 14.34 2.71 21.15
CA ASN B 352 15.49 3.64 20.95
C ASN B 352 16.59 2.91 20.14
N SER B 353 17.31 3.65 19.28
CA SER B 353 18.35 3.14 18.37
C SER B 353 19.64 3.97 18.40
N ALA B 354 19.78 4.97 19.28
CA ALA B 354 21.08 5.69 19.49
C ALA B 354 22.10 4.71 20.09
N TYR B 355 23.38 5.03 20.01
CA TYR B 355 24.47 4.27 20.67
C TYR B 355 24.03 3.90 22.09
N GLY B 356 24.06 2.62 22.43
CA GLY B 356 23.75 2.11 23.78
C GLY B 356 22.39 1.43 23.83
N TRP B 357 21.58 1.59 22.77
CA TRP B 357 20.16 1.14 22.72
C TRP B 357 19.94 0.10 21.61
N GLY B 358 20.83 0.02 20.64
CA GLY B 358 20.72 -0.89 19.48
C GLY B 358 21.87 -1.89 19.44
N LYS B 359 22.47 -2.06 18.26
CA LYS B 359 23.62 -2.97 18.03
C LYS B 359 24.64 -2.86 19.16
N CYS B 360 25.15 -4.00 19.63
CA CYS B 360 26.19 -4.16 20.69
C CYS B 360 25.59 -4.18 22.10
N PHE B 361 24.28 -3.96 22.26
CA PHE B 361 23.65 -3.86 23.61
C PHE B 361 22.47 -4.82 23.73
N LEU B 362 22.13 -5.21 24.96
CA LEU B 362 21.06 -6.20 25.26
C LEU B 362 19.73 -5.50 25.55
N HIS B 363 19.64 -4.19 25.35
CA HIS B 363 18.35 -3.47 25.22
C HIS B 363 17.56 -4.13 24.09
N GLU B 364 16.22 -4.06 24.15
CA GLU B 364 15.30 -4.67 23.15
C GLU B 364 15.72 -4.21 21.75
N GLY B 365 16.09 -2.94 21.60
CA GLY B 365 16.52 -2.37 20.31
C GLY B 365 17.70 -3.11 19.71
N GLY B 366 18.49 -3.81 20.54
CA GLY B 366 19.69 -4.53 20.08
C GLY B 366 19.41 -5.98 19.70
N ILE B 367 18.46 -6.65 20.37
CA ILE B 367 18.30 -8.14 20.30
C ILE B 367 16.95 -8.52 19.70
N ARG B 368 15.96 -7.62 19.67
CA ARG B 368 14.67 -7.93 19.03
C ARG B 368 14.72 -7.49 17.58
N VAL B 369 14.39 -8.42 16.69
CA VAL B 369 14.56 -8.28 15.22
C VAL B 369 13.20 -8.56 14.60
N PRO B 370 12.87 -7.90 13.47
CA PRO B 370 11.59 -8.12 12.82
C PRO B 370 11.66 -9.52 12.19
N ALA B 371 10.54 -10.23 12.16
CA ALA B 371 10.46 -11.58 11.60
C ALA B 371 9.15 -11.79 10.83
N ILE B 372 9.26 -12.28 9.61
CA ILE B 372 8.15 -12.71 8.70
C ILE B 372 8.40 -14.17 8.32
N ILE B 373 7.39 -15.03 8.38
CA ILE B 373 7.45 -16.39 7.79
C ILE B 373 6.22 -16.60 6.90
N THR B 374 6.44 -17.01 5.65
CA THR B 374 5.38 -17.36 4.68
C THR B 374 5.54 -18.83 4.30
N TRP B 375 4.42 -19.48 4.01
CA TRP B 375 4.30 -20.85 3.46
C TRP B 375 2.91 -20.96 2.87
N PRO B 376 2.70 -20.39 1.67
CA PRO B 376 1.36 -20.26 1.07
C PRO B 376 0.50 -21.53 1.12
N GLY B 377 -0.69 -21.40 1.70
CA GLY B 377 -1.70 -22.48 1.88
C GLY B 377 -1.59 -23.16 3.23
N LYS B 378 -0.53 -22.90 4.00
CA LYS B 378 -0.25 -23.58 5.29
C LYS B 378 -0.24 -22.56 6.43
N ILE B 379 0.47 -21.44 6.23
CA ILE B 379 0.53 -20.29 7.18
C ILE B 379 -0.55 -19.28 6.74
N LYS B 380 -1.52 -19.01 7.61
CA LYS B 380 -2.65 -18.08 7.30
C LYS B 380 -2.05 -16.70 7.01
N PRO B 381 -2.42 -16.06 5.87
CA PRO B 381 -1.85 -14.78 5.50
C PRO B 381 -2.34 -13.59 6.34
N GLY B 382 -1.44 -12.64 6.62
CA GLY B 382 -1.77 -11.38 7.31
C GLY B 382 -2.00 -11.57 8.79
N THR B 383 -1.49 -12.67 9.37
CA THR B 383 -1.62 -13.00 10.81
C THR B 383 -0.39 -12.49 11.57
N GLN B 384 -0.51 -12.52 12.91
CA GLN B 384 0.50 -12.01 13.87
C GLN B 384 0.54 -12.94 15.07
N SER B 385 1.73 -13.16 15.65
CA SER B 385 1.91 -13.88 16.94
C SER B 385 2.98 -13.15 17.77
N ASP B 386 2.68 -12.95 19.05
CA ASP B 386 3.60 -12.30 20.02
C ASP B 386 4.37 -13.38 20.79
N HIS B 387 4.35 -14.63 20.32
CA HIS B 387 5.07 -15.76 20.96
C HIS B 387 6.57 -15.42 21.09
N ILE B 388 7.08 -15.53 22.32
CA ILE B 388 8.50 -15.23 22.65
C ILE B 388 9.34 -16.39 22.11
N CYS B 389 10.15 -16.10 21.08
CA CYS B 389 11.04 -17.09 20.43
C CYS B 389 12.34 -16.38 19.98
N ALA B 390 13.33 -17.16 19.55
CA ALA B 390 14.71 -16.70 19.30
C ALA B 390 15.43 -17.63 18.32
N PHE B 391 16.66 -17.26 17.94
CA PHE B 391 17.45 -17.92 16.88
C PHE B 391 17.69 -19.40 17.25
N GLN B 392 17.89 -19.74 18.53
CA GLN B 392 17.98 -21.14 19.02
C GLN B 392 16.86 -22.00 18.44
N ASP B 393 15.67 -21.40 18.30
CA ASP B 393 14.40 -22.12 18.02
C ASP B 393 14.37 -22.58 16.57
N VAL B 394 15.23 -22.01 15.71
CA VAL B 394 15.16 -22.28 14.24
C VAL B 394 15.53 -23.75 13.99
N MET B 395 16.55 -24.27 14.69
CA MET B 395 17.01 -25.66 14.48
C MET B 395 15.83 -26.62 14.73
N PRO B 396 15.19 -26.64 15.91
CA PRO B 396 14.04 -27.53 16.13
C PRO B 396 12.81 -27.22 15.25
N THR B 397 12.61 -25.96 14.86
CA THR B 397 11.49 -25.58 13.95
C THR B 397 11.68 -26.29 12.61
N LEU B 398 12.90 -26.23 12.06
CA LEU B 398 13.25 -26.86 10.77
C LEU B 398 13.21 -28.39 10.90
N ALA B 399 13.63 -28.92 12.06
CA ALA B 399 13.62 -30.38 12.35
C ALA B 399 12.17 -30.89 12.30
N GLU B 400 11.27 -30.23 13.03
CA GLU B 400 9.82 -30.59 13.05
C GLU B 400 9.28 -30.49 11.61
N LEU B 401 9.62 -29.41 10.91
CA LEU B 401 9.13 -29.10 9.54
C LEU B 401 9.56 -30.21 8.56
N ALA B 402 10.83 -30.65 8.59
CA ALA B 402 11.41 -31.64 7.65
C ALA B 402 11.16 -33.08 8.12
N GLY B 403 10.59 -33.27 9.33
CA GLY B 403 10.17 -34.58 9.86
C GLY B 403 11.34 -35.46 10.26
N ILE B 404 12.38 -34.86 10.86
CA ILE B 404 13.65 -35.53 11.29
C ILE B 404 13.83 -35.26 12.78
N THR B 405 14.43 -36.21 13.52
CA THR B 405 14.66 -36.07 14.98
C THR B 405 15.63 -34.91 15.17
N CYS B 406 15.28 -34.00 16.08
CA CYS B 406 16.04 -32.76 16.39
C CYS B 406 17.34 -33.11 17.09
N PRO B 407 18.50 -32.57 16.66
CA PRO B 407 19.74 -32.69 17.43
C PRO B 407 19.63 -31.98 18.76
N PRO B 408 20.63 -32.14 19.66
CA PRO B 408 20.68 -31.36 20.90
C PRO B 408 20.50 -29.86 20.59
N THR B 409 19.70 -29.15 21.40
CA THR B 409 19.34 -27.74 21.17
C THR B 409 18.87 -27.09 22.47
N ASP B 410 19.01 -25.77 22.58
CA ASP B 410 18.40 -24.93 23.64
C ASP B 410 17.06 -24.38 23.13
N GLY B 411 16.73 -24.66 21.87
CA GLY B 411 15.57 -24.09 21.18
C GLY B 411 14.30 -24.89 21.43
N ILE B 412 13.17 -24.28 21.08
CA ILE B 412 11.81 -24.90 21.08
C ILE B 412 11.16 -24.55 19.74
N SER B 413 10.70 -25.55 19.01
CA SER B 413 9.97 -25.38 17.72
C SER B 413 8.87 -24.34 17.89
N PHE B 414 8.79 -23.37 16.96
CA PHE B 414 7.65 -22.43 16.86
C PHE B 414 6.80 -22.76 15.63
N LEU B 415 6.94 -23.96 15.07
CA LEU B 415 6.09 -24.44 13.93
C LEU B 415 4.61 -24.41 14.33
N PRO B 416 4.22 -24.86 15.54
CA PRO B 416 2.81 -24.81 15.94
C PRO B 416 2.20 -23.40 15.83
N THR B 417 2.95 -22.37 16.23
CA THR B 417 2.57 -20.94 16.06
C THR B 417 2.40 -20.62 14.56
N LEU B 418 3.34 -21.06 13.72
CA LEU B 418 3.31 -20.79 12.25
C LEU B 418 2.03 -21.39 11.64
N LEU B 419 1.61 -22.58 12.10
CA LEU B 419 0.44 -23.32 11.54
C LEU B 419 -0.85 -23.00 12.30
N GLY B 420 -0.81 -22.09 13.29
CA GLY B 420 -1.97 -21.62 14.06
C GLY B 420 -2.53 -22.68 14.99
N LYS B 421 -1.66 -23.54 15.54
CA LYS B 421 -2.02 -24.59 16.53
C LYS B 421 -1.42 -24.18 17.88
N LYS B 422 -1.84 -23.01 18.37
CA LYS B 422 -1.28 -22.31 19.57
C LYS B 422 -1.41 -23.22 20.81
N GLY B 423 -2.47 -24.04 20.86
CA GLY B 423 -2.69 -25.09 21.87
C GLY B 423 -1.45 -25.96 22.11
N LYS B 424 -0.67 -26.25 21.06
CA LYS B 424 0.47 -27.19 21.07
C LYS B 424 1.82 -26.43 21.03
N GLN B 425 1.83 -25.13 21.31
CA GLN B 425 3.06 -24.29 21.30
C GLN B 425 3.68 -24.28 22.70
N LYS B 426 4.80 -24.99 22.88
CA LYS B 426 5.58 -24.99 24.14
C LYS B 426 6.24 -23.62 24.30
N GLU B 427 6.43 -23.21 25.55
CA GLU B 427 6.89 -21.86 25.93
C GLU B 427 8.24 -21.99 26.65
N HIS B 428 9.20 -21.10 26.33
CA HIS B 428 10.41 -20.87 27.15
C HIS B 428 9.97 -20.33 28.53
N THR B 429 10.47 -20.92 29.62
CA THR B 429 10.34 -20.37 30.99
C THR B 429 10.96 -18.97 30.99
N TYR B 430 12.16 -18.82 30.40
CA TYR B 430 12.88 -17.53 30.25
C TYR B 430 13.85 -17.64 29.06
N LEU B 431 14.31 -16.49 28.57
CA LEU B 431 15.42 -16.37 27.61
C LEU B 431 16.59 -15.68 28.31
N TYR B 432 17.81 -16.10 27.99
CA TYR B 432 19.10 -15.55 28.48
C TYR B 432 19.96 -15.14 27.28
N TRP B 433 20.66 -14.01 27.42
CA TRP B 433 21.67 -13.51 26.45
C TRP B 433 22.93 -13.13 27.22
N GLU B 434 24.10 -13.37 26.64
CA GLU B 434 25.33 -12.69 27.10
C GLU B 434 26.10 -12.21 25.87
N TYR B 435 26.69 -11.02 26.00
CA TYR B 435 27.62 -10.42 25.02
C TYR B 435 28.86 -10.00 25.81
N PRO B 436 29.84 -10.93 25.98
CA PRO B 436 31.07 -10.63 26.72
C PRO B 436 32.12 -9.96 25.83
N ASP B 437 31.78 -8.81 25.24
CA ASP B 437 32.74 -7.96 24.48
C ASP B 437 33.85 -7.54 25.44
N PRO B 438 35.07 -7.20 24.93
CA PRO B 438 36.21 -6.92 25.80
C PRO B 438 36.05 -5.66 26.67
N ARG B 439 35.28 -4.68 26.19
CA ARG B 439 35.24 -3.29 26.71
C ARG B 439 34.12 -3.14 27.75
N ILE B 440 32.92 -3.67 27.50
CA ILE B 440 31.69 -3.36 28.30
C ILE B 440 31.21 -4.63 29.03
N GLY B 441 30.75 -5.64 28.30
CA GLY B 441 30.29 -6.92 28.89
C GLY B 441 28.84 -6.85 29.35
N ASN B 442 27.98 -7.72 28.82
CA ASN B 442 26.51 -7.62 28.98
C ASN B 442 25.89 -9.01 29.27
N LYS B 443 24.90 -9.05 30.15
CA LYS B 443 23.99 -10.21 30.39
C LYS B 443 22.54 -9.70 30.48
N ALA B 444 21.58 -10.48 30.03
CA ALA B 444 20.14 -10.14 30.08
C ALA B 444 19.29 -11.39 30.27
N ILE B 445 18.16 -11.22 30.95
CA ILE B 445 17.07 -12.23 31.12
C ILE B 445 15.77 -11.58 30.65
N ARG B 446 14.96 -12.31 29.90
CA ARG B 446 13.52 -12.01 29.76
C ARG B 446 12.70 -13.17 30.30
N MET B 447 11.79 -12.87 31.23
CA MET B 447 10.80 -13.82 31.80
C MET B 447 9.47 -13.08 31.90
N GLY B 448 8.56 -13.35 30.96
CA GLY B 448 7.26 -12.67 30.84
C GLY B 448 7.45 -11.21 30.50
N LYS B 449 6.83 -10.31 31.26
CA LYS B 449 6.90 -8.85 31.07
C LYS B 449 8.25 -8.29 31.54
N TRP B 450 9.01 -9.06 32.32
CA TRP B 450 10.24 -8.60 33.03
C TRP B 450 11.48 -8.81 32.16
N LYS B 451 12.32 -7.78 32.12
CA LYS B 451 13.57 -7.76 31.34
C LYS B 451 14.67 -7.24 32.25
N GLY B 452 15.62 -8.11 32.62
CA GLY B 452 16.79 -7.76 33.44
C GLY B 452 18.04 -7.63 32.58
N ILE B 453 18.84 -6.59 32.83
CA ILE B 453 20.13 -6.34 32.13
C ILE B 453 21.20 -6.02 33.17
N ILE B 454 22.36 -6.65 33.03
CA ILE B 454 23.64 -6.25 33.69
C ILE B 454 24.61 -5.85 32.57
N THR B 455 25.02 -4.59 32.54
CA THR B 455 26.02 -4.04 31.59
C THR B 455 27.22 -3.54 32.41
N ASP B 456 28.27 -3.08 31.73
CA ASP B 456 29.53 -2.57 32.33
C ASP B 456 30.13 -3.65 33.25
N ILE B 457 30.02 -4.92 32.84
CA ILE B 457 30.51 -6.07 33.66
C ILE B 457 32.06 -6.02 33.72
N ARG B 458 32.72 -5.67 32.62
CA ARG B 458 34.21 -5.57 32.51
C ARG B 458 34.75 -4.49 33.45
N LYS B 459 33.94 -3.50 33.85
CA LYS B 459 34.31 -2.46 34.84
C LYS B 459 33.94 -2.92 36.26
N GLY B 460 33.47 -4.17 36.42
CA GLY B 460 33.11 -4.77 37.72
C GLY B 460 31.74 -4.33 38.24
N ASN B 461 30.82 -3.90 37.38
CA ASN B 461 29.39 -3.72 37.76
C ASN B 461 28.70 -5.10 37.80
N THR B 462 27.93 -5.36 38.86
CA THR B 462 27.05 -6.54 39.00
C THR B 462 25.60 -6.09 39.22
N GLN B 463 25.36 -4.78 39.33
CA GLN B 463 24.01 -4.22 39.59
C GLN B 463 23.14 -4.42 38.35
N MET B 464 21.98 -5.04 38.55
CA MET B 464 21.01 -5.34 37.47
C MET B 464 20.01 -4.20 37.37
N GLN B 465 19.66 -3.83 36.13
CA GLN B 465 18.52 -2.93 35.83
C GLN B 465 17.36 -3.83 35.42
N LEU B 466 16.13 -3.47 35.81
CA LEU B 466 14.89 -4.26 35.58
C LEU B 466 13.84 -3.36 34.92
N TYR B 467 13.28 -3.79 33.80
CA TYR B 467 12.23 -3.04 33.06
C TYR B 467 10.99 -3.90 32.90
N ASN B 468 9.83 -3.29 33.13
CA ASN B 468 8.49 -3.82 32.81
C ASN B 468 8.21 -3.49 31.34
N LEU B 469 8.29 -4.49 30.46
CA LEU B 469 8.13 -4.28 28.99
C LEU B 469 6.66 -4.00 28.67
N GLU B 470 5.72 -4.27 29.58
CA GLU B 470 4.28 -3.96 29.37
C GLU B 470 4.09 -2.45 29.49
N THR B 471 4.74 -1.81 30.46
CA THR B 471 4.52 -0.37 30.80
C THR B 471 5.69 0.50 30.33
N ASP B 472 6.83 -0.10 29.97
CA ASP B 472 8.08 0.65 29.65
C ASP B 472 8.83 -0.15 28.58
N ILE B 473 8.26 -0.24 27.37
CA ILE B 473 8.76 -1.05 26.22
C ILE B 473 10.15 -0.55 25.83
N ARG B 474 10.45 0.74 26.08
CA ARG B 474 11.71 1.41 25.67
C ARG B 474 12.77 1.30 26.78
N GLU B 475 12.44 0.67 27.90
CA GLU B 475 13.40 0.37 29.00
C GLU B 475 14.08 1.66 29.46
N GLU B 476 13.27 2.67 29.80
CA GLU B 476 13.75 4.01 30.22
C GLU B 476 13.60 4.18 31.74
N HIS B 477 12.91 3.26 32.43
CA HIS B 477 12.53 3.40 33.86
C HIS B 477 12.87 2.13 34.65
N ASP B 478 14.11 2.08 35.13
CA ASP B 478 14.66 0.98 35.98
C ASP B 478 13.83 0.90 37.27
N VAL B 479 13.34 -0.29 37.61
CA VAL B 479 12.50 -0.53 38.82
C VAL B 479 13.07 -1.70 39.63
N ALA B 480 14.38 -1.96 39.52
CA ALA B 480 15.10 -3.07 40.18
C ALA B 480 14.91 -2.98 41.71
N ALA B 481 15.02 -1.78 42.29
CA ALA B 481 14.85 -1.51 43.74
C ALA B 481 13.44 -1.87 44.23
N GLN B 482 12.43 -1.85 43.36
CA GLN B 482 11.02 -2.17 43.72
C GLN B 482 10.74 -3.67 43.59
N HIS B 483 11.68 -4.45 43.06
CA HIS B 483 11.52 -5.91 42.84
C HIS B 483 12.83 -6.65 43.13
N PRO B 484 13.36 -6.58 44.37
CA PRO B 484 14.60 -7.27 44.71
C PRO B 484 14.42 -8.80 44.59
N ASP B 485 13.19 -9.28 44.80
CA ASP B 485 12.79 -10.70 44.62
C ASP B 485 13.11 -11.12 43.18
N ILE B 486 12.72 -10.30 42.19
CA ILE B 486 12.85 -10.63 40.75
C ILE B 486 14.33 -10.55 40.36
N VAL B 487 15.07 -9.61 40.95
CA VAL B 487 16.52 -9.44 40.64
C VAL B 487 17.25 -10.70 41.13
N LYS B 488 16.95 -11.17 42.34
CA LYS B 488 17.57 -12.39 42.93
C LYS B 488 17.26 -13.60 42.04
N ARG B 489 16.00 -13.76 41.61
CA ARG B 489 15.57 -14.87 40.72
C ARG B 489 16.36 -14.81 39.40
N PHE B 490 16.57 -13.61 38.84
CA PHE B 490 17.23 -13.42 37.53
C PHE B 490 18.73 -13.70 37.65
N GLU B 491 19.35 -13.30 38.76
CA GLU B 491 20.77 -13.61 39.10
C GLU B 491 20.96 -15.13 39.12
N ARG B 492 20.04 -15.86 39.78
CA ARG B 492 20.07 -17.34 39.87
C ARG B 492 19.95 -17.93 38.46
N LEU B 493 18.96 -17.50 37.68
CA LEU B 493 18.67 -18.04 36.32
C LEU B 493 19.85 -17.75 35.38
N MET B 494 20.58 -16.65 35.61
CA MET B 494 21.77 -16.29 34.80
C MET B 494 22.91 -17.29 35.06
N LYS B 495 23.09 -17.73 36.30
CA LYS B 495 24.10 -18.78 36.67
C LYS B 495 23.69 -20.12 36.02
N GLU B 496 22.42 -20.50 36.10
CA GLU B 496 21.91 -21.81 35.58
C GLU B 496 22.01 -21.89 34.06
N ALA B 497 21.89 -20.76 33.36
CA ALA B 497 21.69 -20.71 31.89
C ALA B 497 23.02 -20.78 31.13
N ARG B 498 24.16 -20.46 31.76
CA ARG B 498 25.43 -20.21 31.04
C ARG B 498 26.47 -21.31 31.29
N ASN B 499 27.32 -21.54 30.28
CA ASN B 499 28.51 -22.45 30.24
C ASN B 499 29.81 -21.65 30.19
N GLY B 500 30.92 -22.34 30.42
CA GLY B 500 32.28 -21.88 30.13
C GLY B 500 32.72 -20.84 31.16
N PRO B 501 33.93 -20.26 30.99
CA PRO B 501 34.44 -19.25 31.90
C PRO B 501 33.50 -18.04 32.03
N ASP B 502 33.26 -17.58 33.26
CA ASP B 502 32.50 -16.33 33.55
C ASP B 502 33.37 -15.12 33.15
N PHE B 503 32.79 -13.93 33.15
CA PHE B 503 33.49 -12.64 32.89
C PHE B 503 33.03 -11.60 33.91
O5 A2G C . -31.91 2.19 -8.41
C1 A2G C . -30.89 1.17 -8.33
O1 A2G C . -30.67 0.84 -6.97
C2 A2G C . -29.56 1.62 -8.93
N2 A2G C . -28.49 0.68 -8.57
C3 A2G C . -29.16 3.01 -8.45
O3 A2G C . -28.03 3.42 -9.23
C4 A2G C . -30.31 3.97 -8.59
O4 A2G C . -30.62 4.09 -9.97
C5 A2G C . -31.52 3.43 -7.83
C6 A2G C . -32.72 4.37 -7.89
O6 A2G C . -32.53 5.46 -6.96
C7 A2G C . -28.30 -0.50 -9.16
O7 A2G C . -28.98 -0.92 -10.11
C8 A2G C . -27.18 -1.32 -8.57
CA CA D . -24.03 6.60 -9.74
C1 NGA E . -8.48 -11.71 8.98
C2 NGA E . -7.32 -11.15 9.79
C3 NGA E . -6.36 -10.48 8.82
C4 NGA E . -5.83 -11.53 7.85
C5 NGA E . -7.02 -12.12 7.06
C6 NGA E . -6.58 -13.23 6.10
C7 NGA E . -7.78 -10.27 12.08
C8 NGA E . -7.18 -11.47 12.76
N2 NGA E . -7.81 -10.19 10.74
O1 NGA E . -9.33 -12.41 9.90
O3 NGA E . -5.29 -9.85 9.53
O4 NGA E . -5.12 -12.55 8.55
O5 NGA E . -8.04 -12.61 7.96
O6 NGA E . -7.55 -13.41 5.05
O7 NGA E . -8.29 -9.36 12.70
C1 EDO F . 17.61 -19.35 27.56
O1 EDO F . 17.99 -18.52 26.45
C2 EDO F . 16.58 -20.40 27.27
O2 EDO F . 16.04 -21.02 28.42
O5 A2G G . 33.70 -4.98 12.47
C1 A2G G . 32.99 -4.03 13.29
O1 A2G G . 33.26 -4.32 14.66
C2 A2G G . 31.47 -4.08 13.02
N2 A2G G . 30.80 -3.28 14.03
C3 A2G G . 30.90 -5.50 13.00
O3 A2G G . 29.54 -5.52 12.54
C4 A2G G . 31.77 -6.39 12.14
O4 A2G G . 31.67 -5.92 10.78
C5 A2G G . 33.22 -6.33 12.63
C6 A2G G . 34.18 -7.29 11.91
O6 A2G G . 33.94 -8.63 12.38
C7 A2G G . 30.80 -1.93 14.02
O7 A2G G . 31.33 -1.24 13.14
C8 A2G G . 30.08 -1.30 15.20
CA CA H . 24.87 -7.67 12.11
#